data_1YUM
#
_entry.id   1YUM
#
_cell.length_a   65.179
_cell.length_b   110.655
_cell.length_c   65.203
_cell.angle_alpha   90.00
_cell.angle_beta   89.99
_cell.angle_gamma   90.00
#
_symmetry.space_group_name_H-M   'P 1 21 1'
#
loop_
_entity.id
_entity.type
_entity.pdbx_description
1 polymer "'Probable nicotinate-nucleotide adenylyltransferase"
2 non-polymer 'CITRIC ACID'
3 non-polymer 'NICOTINATE MONONUCLEOTIDE'
4 water water
#
_entity_poly.entity_id   1
_entity_poly.type   'polypeptide(L)'
_entity_poly.pdbx_seq_one_letter_code
;MGSSHHHHHHSSGLVPRGSHMGKRIGLFGGTFDPVHIGHMRSAVEMAEQFALDELRLLPNARPPHRETPQVSAAQRLAMV
ERAVAGVERLTVDPRELQRDKPSYTIDTLESVRAELAADDQLFMLIGWDAFCGLPTWHRWEALLDHCHIVVLQRPDADSE
PPESLRDLLAARSVADPQALKGPGGQITFVWQTPLAVSATQIRALLGAGRSVRFLVPDAVLNYIEAHHLYRAPHLEHHHH
HH
;
_entity_poly.pdbx_strand_id   A,B,C,D
#
loop_
_chem_comp.id
_chem_comp.type
_chem_comp.name
_chem_comp.formula
CIT non-polymer 'CITRIC ACID' 'C6 H8 O7'
NCN non-polymer 'NICOTINATE MONONUCLEOTIDE' 'C11 H14 N O9 P'
#
# COMPACT_ATOMS: atom_id res chain seq x y z
N GLY A 22 -33.27 4.29 33.00
CA GLY A 22 -32.63 5.34 32.23
C GLY A 22 -32.99 5.26 30.76
N LYS A 23 -32.22 5.93 29.90
CA LYS A 23 -32.45 5.79 28.47
C LYS A 23 -31.42 4.81 27.89
N ARG A 24 -31.68 4.40 26.65
CA ARG A 24 -30.86 3.50 25.84
C ARG A 24 -30.46 4.22 24.55
N ILE A 25 -29.24 4.71 24.54
CA ILE A 25 -28.67 5.56 23.49
C ILE A 25 -27.71 4.81 22.60
N GLY A 26 -27.88 4.92 21.26
CA GLY A 26 -26.89 4.32 20.38
C GLY A 26 -25.97 5.40 19.80
N LEU A 27 -24.83 4.95 19.33
CA LEU A 27 -23.85 5.77 18.64
C LEU A 27 -23.46 5.04 17.36
N PHE A 28 -23.70 5.65 16.20
CA PHE A 28 -23.39 5.09 14.90
C PHE A 28 -22.37 6.02 14.25
N GLY A 29 -21.11 5.61 14.21
CA GLY A 29 -20.11 6.51 13.64
C GLY A 29 -19.87 6.20 12.19
N GLY A 30 -19.58 7.22 11.37
CA GLY A 30 -19.20 6.93 9.99
C GLY A 30 -18.67 8.20 9.31
N THR A 31 -18.05 8.00 8.18
CA THR A 31 -17.73 9.11 7.29
C THR A 31 -18.96 9.62 6.54
N PHE A 32 -19.85 8.77 6.03
CA PHE A 32 -21.08 9.25 5.39
C PHE A 32 -20.84 10.21 4.21
N ASP A 33 -20.25 9.72 3.14
CA ASP A 33 -19.76 10.50 2.01
C ASP A 33 -20.26 9.97 0.68
N PRO A 34 -21.56 9.99 0.40
CA PRO A 34 -22.58 10.40 1.35
C PRO A 34 -23.27 9.31 2.15
N VAL A 35 -24.06 9.78 3.09
CA VAL A 35 -24.93 8.87 3.84
C VAL A 35 -25.88 8.19 2.87
N HIS A 36 -26.07 6.86 2.98
CA HIS A 36 -26.96 6.26 1.95
C HIS A 36 -27.97 5.31 2.57
N ILE A 37 -28.84 4.66 1.79
CA ILE A 37 -29.84 3.80 2.45
C ILE A 37 -29.25 2.56 3.13
N GLY A 38 -28.04 2.19 2.77
CA GLY A 38 -27.33 1.10 3.45
C GLY A 38 -27.06 1.46 4.90
N HIS A 39 -26.53 2.65 5.15
CA HIS A 39 -26.36 3.17 6.49
C HIS A 39 -27.70 3.35 7.20
N MET A 40 -28.65 3.90 6.44
CA MET A 40 -29.90 4.30 7.08
C MET A 40 -30.76 3.09 7.47
N ARG A 41 -30.77 2.10 6.59
CA ARG A 41 -31.50 0.86 6.90
C ARG A 41 -30.79 0.18 8.05
N SER A 42 -29.46 0.23 8.13
CA SER A 42 -28.75 -0.38 9.27
C SER A 42 -29.05 0.34 10.58
N ALA A 43 -29.24 1.65 10.59
CA ALA A 43 -29.58 2.36 11.82
C ALA A 43 -31.03 2.18 12.25
N VAL A 44 -31.97 2.08 11.32
CA VAL A 44 -33.35 1.75 11.71
C VAL A 44 -33.36 0.39 12.40
N GLU A 45 -32.73 -0.59 11.74
CA GLU A 45 -32.74 -1.95 12.24
C GLU A 45 -32.09 -2.05 13.60
N MET A 46 -30.93 -1.39 13.75
CA MET A 46 -30.33 -1.62 15.08
C MET A 46 -31.11 -0.87 16.12
N ALA A 47 -31.79 0.23 15.79
CA ALA A 47 -32.56 0.86 16.87
C ALA A 47 -33.70 -0.06 17.31
N GLU A 48 -34.29 -0.77 16.33
CA GLU A 48 -35.42 -1.63 16.67
C GLU A 48 -34.91 -2.86 17.42
N GLN A 49 -33.78 -3.38 16.96
CA GLN A 49 -33.29 -4.54 17.71
C GLN A 49 -32.90 -4.19 19.15
N PHE A 50 -32.50 -2.96 19.39
CA PHE A 50 -32.03 -2.60 20.73
C PHE A 50 -33.05 -1.79 21.50
N ALA A 51 -34.22 -1.56 20.92
CA ALA A 51 -35.24 -0.69 21.50
C ALA A 51 -34.64 0.59 22.07
N LEU A 52 -33.77 1.25 21.28
CA LEU A 52 -33.18 2.49 21.74
C LEU A 52 -34.18 3.62 21.83
N ASP A 53 -33.98 4.50 22.80
CA ASP A 53 -34.69 5.77 22.82
C ASP A 53 -34.29 6.55 21.57
N GLU A 54 -33.01 6.46 21.25
CA GLU A 54 -32.48 7.26 20.13
C GLU A 54 -31.16 6.69 19.64
N LEU A 55 -30.96 6.75 18.32
CA LEU A 55 -29.68 6.33 17.74
C LEU A 55 -29.04 7.56 17.09
N ARG A 56 -27.89 7.99 17.58
CA ARG A 56 -27.18 9.15 17.02
C ARG A 56 -26.22 8.76 15.90
N LEU A 57 -26.42 9.31 14.69
CA LEU A 57 -25.38 9.13 13.70
C LEU A 57 -24.23 10.08 14.05
N LEU A 58 -23.01 9.57 13.93
CA LEU A 58 -21.86 10.36 14.39
C LEU A 58 -20.86 10.53 13.26
N PRO A 59 -21.06 11.56 12.44
CA PRO A 59 -20.14 11.79 11.34
C PRO A 59 -18.73 12.09 11.85
N ASN A 60 -17.81 11.38 11.22
CA ASN A 60 -16.41 11.36 11.62
C ASN A 60 -15.69 12.57 11.03
N ALA A 61 -14.71 13.01 11.81
CA ALA A 61 -13.79 14.08 11.48
C ALA A 61 -12.64 13.47 10.69
N ARG A 62 -12.16 14.20 9.71
CA ARG A 62 -10.96 13.77 9.00
C ARG A 62 -10.23 15.02 8.53
N PRO A 63 -8.97 14.92 8.13
CA PRO A 63 -8.24 16.08 7.62
C PRO A 63 -9.01 16.71 6.47
N PRO A 64 -9.05 18.03 6.30
CA PRO A 64 -9.74 18.57 5.12
C PRO A 64 -9.24 17.97 3.82
N HIS A 65 -7.94 17.66 3.61
CA HIS A 65 -7.66 17.12 2.27
C HIS A 65 -8.02 15.65 2.13
N ARG A 66 -8.70 15.10 3.14
CA ARG A 66 -9.22 13.74 3.09
C ARG A 66 -10.69 13.72 2.67
N GLU A 67 -11.25 14.92 2.54
CA GLU A 67 -12.65 15.07 2.16
C GLU A 67 -12.81 14.97 0.65
N THR A 68 -13.98 14.53 0.22
CA THR A 68 -14.21 14.53 -1.24
C THR A 68 -14.06 15.97 -1.69
N PRO A 69 -13.25 16.21 -2.71
CA PRO A 69 -13.10 17.60 -3.19
C PRO A 69 -14.50 18.10 -3.54
N GLN A 70 -14.73 19.33 -3.14
CA GLN A 70 -15.93 20.07 -3.09
C GLN A 70 -17.06 19.32 -2.39
N VAL A 71 -16.79 18.52 -1.35
CA VAL A 71 -17.86 18.13 -0.41
C VAL A 71 -17.29 18.27 1.00
N SER A 72 -17.65 19.33 1.69
CA SER A 72 -17.09 19.70 2.97
C SER A 72 -17.54 18.76 4.09
N ALA A 73 -16.84 18.84 5.22
CA ALA A 73 -17.37 18.09 6.37
C ALA A 73 -18.71 18.67 6.78
N ALA A 74 -18.88 19.97 6.52
CA ALA A 74 -20.17 20.61 6.79
C ALA A 74 -21.31 20.05 5.96
N GLN A 75 -21.02 19.69 4.71
CA GLN A 75 -22.09 19.16 3.87
C GLN A 75 -22.31 17.68 4.20
N ARG A 76 -21.27 16.95 4.59
CA ARG A 76 -21.54 15.57 5.03
C ARG A 76 -22.50 15.62 6.21
N LEU A 77 -22.24 16.60 7.12
CA LEU A 77 -23.12 16.84 8.24
C LEU A 77 -24.54 17.15 7.80
N ALA A 78 -24.74 18.13 6.94
CA ALA A 78 -26.10 18.50 6.57
C ALA A 78 -26.87 17.35 5.93
N MET A 79 -26.17 16.52 5.15
CA MET A 79 -26.86 15.40 4.51
C MET A 79 -27.33 14.38 5.56
N VAL A 80 -26.54 14.17 6.61
CA VAL A 80 -27.04 13.27 7.66
C VAL A 80 -28.22 13.90 8.37
N GLU A 81 -28.15 15.25 8.49
CA GLU A 81 -29.27 15.92 9.13
C GLU A 81 -30.57 15.76 8.33
N ARG A 82 -30.44 15.81 7.01
CA ARG A 82 -31.55 15.68 6.09
C ARG A 82 -32.09 14.24 6.20
N ALA A 83 -31.12 13.33 6.32
CA ALA A 83 -31.41 11.92 6.50
C ALA A 83 -32.26 11.58 7.70
N VAL A 84 -32.02 12.23 8.85
CA VAL A 84 -32.75 11.82 10.04
C VAL A 84 -33.94 12.72 10.35
N ALA A 85 -34.12 13.73 9.52
CA ALA A 85 -35.17 14.73 9.65
C ALA A 85 -36.52 14.08 9.84
N GLY A 86 -37.15 14.25 10.99
CA GLY A 86 -38.45 13.64 11.25
C GLY A 86 -38.47 12.14 11.18
N VAL A 87 -37.31 11.51 11.38
CA VAL A 87 -37.30 10.06 11.45
C VAL A 87 -37.26 9.68 12.93
N GLU A 88 -38.12 8.73 13.29
CA GLU A 88 -38.23 8.33 14.68
C GLU A 88 -36.95 7.69 15.19
N ARG A 89 -36.51 8.22 16.32
CA ARG A 89 -35.46 7.71 17.17
C ARG A 89 -34.07 7.88 16.56
N LEU A 90 -33.95 8.73 15.54
CA LEU A 90 -32.66 8.91 14.87
C LEU A 90 -32.24 10.37 14.91
N THR A 91 -31.01 10.61 15.39
CA THR A 91 -30.52 11.98 15.53
C THR A 91 -29.12 12.08 14.94
N VAL A 92 -28.52 13.27 14.95
CA VAL A 92 -27.15 13.44 14.52
C VAL A 92 -26.38 14.14 15.64
N ASP A 93 -25.26 13.55 16.05
CA ASP A 93 -24.32 14.18 16.97
C ASP A 93 -23.15 14.79 16.22
N PRO A 94 -23.01 16.12 16.13
CA PRO A 94 -21.94 16.70 15.32
C PRO A 94 -20.61 16.91 16.03
N ARG A 95 -20.57 16.61 17.31
CA ARG A 95 -19.49 16.95 18.21
C ARG A 95 -18.11 16.58 17.69
N GLU A 96 -17.88 15.53 16.89
CA GLU A 96 -16.53 15.33 16.37
C GLU A 96 -16.14 16.37 15.32
N LEU A 97 -17.14 16.96 14.65
CA LEU A 97 -16.82 17.94 13.60
C LEU A 97 -16.61 19.32 14.21
N GLN A 98 -16.86 19.43 15.50
CA GLN A 98 -16.84 20.71 16.20
C GLN A 98 -15.53 20.84 16.97
N ARG A 99 -14.82 19.72 16.95
CA ARG A 99 -13.46 19.65 17.43
C ARG A 99 -12.54 20.32 16.41
N ASP A 100 -11.30 19.89 16.37
CA ASP A 100 -10.18 20.49 15.67
C ASP A 100 -9.46 19.53 14.74
N LYS A 101 -9.47 18.24 15.07
CA LYS A 101 -8.77 17.25 14.27
C LYS A 101 -9.49 15.90 14.39
N PRO A 102 -9.12 14.89 13.62
CA PRO A 102 -9.68 13.55 13.83
C PRO A 102 -9.41 13.04 15.25
N SER A 103 -10.17 13.56 16.21
CA SER A 103 -10.00 13.21 17.62
C SER A 103 -10.19 11.70 17.84
N TYR A 104 -10.29 11.35 19.12
CA TYR A 104 -10.41 9.93 19.47
C TYR A 104 -11.78 9.55 19.96
N THR A 105 -12.13 8.29 19.60
CA THR A 105 -13.47 7.81 19.96
C THR A 105 -13.65 7.83 21.46
N ILE A 106 -12.52 7.60 22.18
CA ILE A 106 -12.60 7.57 23.63
C ILE A 106 -12.93 8.95 24.19
N ASP A 107 -12.44 10.00 23.55
CA ASP A 107 -12.80 11.38 23.84
C ASP A 107 -14.29 11.63 23.57
N THR A 108 -14.77 11.07 22.44
CA THR A 108 -16.20 11.20 22.14
C THR A 108 -16.99 10.44 23.18
N LEU A 109 -16.57 9.20 23.47
CA LEU A 109 -17.25 8.49 24.55
C LEU A 109 -17.26 9.24 25.87
N GLU A 110 -16.13 9.81 26.28
CA GLU A 110 -16.07 10.51 27.56
C GLU A 110 -17.01 11.71 27.54
N SER A 111 -16.97 12.49 26.46
CA SER A 111 -17.86 13.63 26.28
C SER A 111 -19.33 13.29 26.25
N VAL A 112 -19.77 12.32 25.44
CA VAL A 112 -21.17 11.91 25.57
C VAL A 112 -21.55 11.47 26.98
N ARG A 113 -20.68 10.72 27.66
CA ARG A 113 -21.00 10.21 29.00
C ARG A 113 -21.40 11.33 29.95
N ALA A 114 -20.60 12.38 30.05
CA ALA A 114 -20.88 13.43 31.04
C ALA A 114 -22.22 14.12 30.81
N GLU A 115 -22.83 13.94 29.64
CA GLU A 115 -24.13 14.47 29.31
C GLU A 115 -25.24 13.47 29.64
N LEU A 116 -24.83 12.25 29.95
CA LEU A 116 -25.86 11.26 30.22
C LEU A 116 -25.99 11.03 31.72
N ALA A 117 -27.08 10.36 32.07
CA ALA A 117 -27.20 9.90 33.45
C ALA A 117 -26.26 8.73 33.63
N ALA A 118 -25.93 8.36 34.87
CA ALA A 118 -25.01 7.24 35.06
C ALA A 118 -25.71 5.93 34.74
N ASP A 119 -27.05 5.91 34.78
CA ASP A 119 -27.76 4.66 34.50
C ASP A 119 -28.18 4.56 33.03
N ASP A 120 -27.89 5.60 32.27
CA ASP A 120 -28.21 5.50 30.83
C ASP A 120 -27.27 4.48 30.20
N GLN A 121 -27.80 3.69 29.26
CA GLN A 121 -26.94 2.72 28.61
C GLN A 121 -26.52 3.16 27.22
N LEU A 122 -25.24 2.95 26.90
CA LEU A 122 -24.69 3.45 25.64
C LEU A 122 -24.19 2.28 24.81
N PHE A 123 -24.57 2.30 23.54
CA PHE A 123 -24.30 1.26 22.59
C PHE A 123 -23.59 1.88 21.39
N MET A 124 -22.43 1.34 21.10
CA MET A 124 -21.65 1.95 20.00
C MET A 124 -21.54 0.92 18.89
N LEU A 125 -22.18 1.25 17.76
CA LEU A 125 -22.25 0.33 16.62
C LEU A 125 -20.95 0.41 15.83
N ILE A 126 -20.37 -0.75 15.61
CA ILE A 126 -19.06 -1.00 15.04
C ILE A 126 -19.22 -2.04 13.92
N GLY A 127 -18.52 -1.88 12.80
CA GLY A 127 -18.64 -2.92 11.76
C GLY A 127 -17.60 -3.99 12.08
N TRP A 128 -17.77 -5.24 11.68
CA TRP A 128 -16.76 -6.25 12.00
C TRP A 128 -15.35 -5.88 11.55
N ASP A 129 -15.21 -5.40 10.32
CA ASP A 129 -13.86 -5.07 9.84
C ASP A 129 -13.26 -3.98 10.69
N ALA A 130 -14.08 -3.04 11.18
CA ALA A 130 -13.47 -2.05 12.07
C ALA A 130 -13.11 -2.70 13.38
N PHE A 131 -14.01 -3.54 13.90
CA PHE A 131 -13.69 -4.08 15.24
C PHE A 131 -12.40 -4.88 15.23
N CYS A 132 -12.06 -5.55 14.13
CA CYS A 132 -10.82 -6.33 14.12
C CYS A 132 -9.57 -5.50 14.21
N GLY A 133 -9.67 -4.17 14.26
CA GLY A 133 -8.47 -3.36 14.42
C GLY A 133 -8.57 -2.52 15.68
N LEU A 134 -9.52 -2.91 16.54
CA LEU A 134 -9.75 -2.15 17.77
C LEU A 134 -8.49 -1.98 18.61
N PRO A 135 -7.58 -2.93 18.74
CA PRO A 135 -6.43 -2.60 19.60
C PRO A 135 -5.46 -1.64 18.93
N THR A 136 -5.75 -1.20 17.70
CA THR A 136 -4.99 -0.12 17.09
C THR A 136 -5.66 1.24 17.29
N TRP A 137 -6.70 1.28 18.12
CA TRP A 137 -7.30 2.55 18.49
C TRP A 137 -6.72 3.08 19.81
N HIS A 138 -6.91 4.36 20.04
CA HIS A 138 -6.38 5.10 21.18
C HIS A 138 -7.15 4.81 22.47
N ARG A 139 -6.39 4.47 23.50
CA ARG A 139 -6.82 3.99 24.79
C ARG A 139 -7.91 2.93 24.66
N TRP A 140 -7.78 2.03 23.70
CA TRP A 140 -8.90 1.14 23.36
C TRP A 140 -9.44 0.33 24.51
N GLU A 141 -8.77 0.25 25.67
CA GLU A 141 -9.27 -0.59 26.74
C GLU A 141 -10.22 0.14 27.69
N ALA A 142 -10.32 1.45 27.65
CA ALA A 142 -11.29 2.23 28.41
C ALA A 142 -12.56 2.47 27.58
N LEU A 143 -12.62 1.93 26.37
CA LEU A 143 -13.83 2.14 25.56
C LEU A 143 -15.03 1.56 26.28
N LEU A 144 -14.92 0.28 26.63
CA LEU A 144 -15.99 -0.44 27.31
C LEU A 144 -16.34 0.11 28.67
N ASP A 145 -15.47 0.96 29.22
CA ASP A 145 -15.79 1.64 30.45
C ASP A 145 -17.07 2.47 30.35
N HIS A 146 -17.40 2.88 29.12
CA HIS A 146 -18.41 3.92 28.97
C HIS A 146 -19.58 3.45 28.13
N CYS A 147 -19.40 2.30 27.47
CA CYS A 147 -20.47 1.82 26.63
C CYS A 147 -20.35 0.31 26.50
N HIS A 148 -21.36 -0.20 25.81
CA HIS A 148 -21.32 -1.52 25.25
C HIS A 148 -20.97 -1.36 23.77
N ILE A 149 -20.25 -2.32 23.21
CA ILE A 149 -19.95 -2.29 21.78
C ILE A 149 -20.82 -3.29 21.04
N VAL A 150 -21.48 -2.86 19.97
CA VAL A 150 -22.24 -3.80 19.15
C VAL A 150 -21.57 -3.92 17.79
N VAL A 151 -20.99 -5.09 17.53
CA VAL A 151 -20.24 -5.39 16.34
C VAL A 151 -21.11 -6.06 15.27
N LEU A 152 -21.17 -5.42 14.12
CA LEU A 152 -21.94 -5.65 12.92
C LEU A 152 -21.37 -6.79 12.09
N GLN A 153 -22.08 -7.91 12.11
CA GLN A 153 -21.72 -9.08 11.31
C GLN A 153 -22.47 -9.03 9.99
N ARG A 154 -21.84 -9.49 8.90
CA ARG A 154 -22.51 -9.34 7.60
C ARG A 154 -22.05 -10.42 6.63
N PRO A 155 -22.77 -10.59 5.54
CA PRO A 155 -22.25 -11.46 4.48
C PRO A 155 -21.10 -10.71 3.79
N ASP A 156 -19.89 -11.18 4.00
CA ASP A 156 -18.61 -10.63 3.58
C ASP A 156 -17.63 -10.69 4.77
N ALA A 157 -17.65 -9.62 5.55
CA ALA A 157 -16.79 -9.45 6.71
C ALA A 157 -16.76 -10.73 7.55
N ASP A 158 -15.60 -11.36 7.55
CA ASP A 158 -15.29 -12.60 8.24
C ASP A 158 -15.75 -12.59 9.69
N SER A 159 -15.52 -13.69 10.44
CA SER A 159 -15.77 -13.57 11.87
C SER A 159 -14.77 -14.32 12.75
N GLU A 160 -13.49 -14.26 12.42
CA GLU A 160 -12.46 -14.81 13.31
C GLU A 160 -11.36 -13.79 13.54
N PRO A 161 -11.44 -13.19 14.72
CA PRO A 161 -10.57 -12.11 15.16
C PRO A 161 -9.12 -12.55 15.36
N PRO A 162 -8.28 -11.53 15.41
CA PRO A 162 -6.88 -11.72 15.74
C PRO A 162 -6.76 -12.23 17.17
N GLU A 163 -5.70 -12.96 17.49
CA GLU A 163 -5.46 -13.33 18.88
C GLU A 163 -5.48 -12.10 19.76
N SER A 164 -5.03 -10.96 19.24
CA SER A 164 -5.04 -9.69 19.91
C SER A 164 -6.38 -9.38 20.58
N LEU A 165 -7.48 -9.90 20.09
CA LEU A 165 -8.84 -9.72 20.60
C LEU A 165 -9.40 -10.91 21.38
N ARG A 166 -8.62 -11.99 21.49
CA ARG A 166 -9.15 -13.21 22.11
C ARG A 166 -9.57 -12.95 23.55
N ASP A 167 -8.72 -12.25 24.30
CA ASP A 167 -8.98 -12.19 25.73
C ASP A 167 -10.03 -11.13 26.06
N LEU A 168 -10.12 -10.12 25.20
CA LEU A 168 -11.21 -9.15 25.30
C LEU A 168 -12.55 -9.83 25.10
N LEU A 169 -12.69 -10.58 24.01
CA LEU A 169 -13.95 -11.29 23.75
C LEU A 169 -14.25 -12.20 24.92
N ALA A 170 -13.20 -12.84 25.47
CA ALA A 170 -13.37 -13.74 26.60
C ALA A 170 -13.91 -13.04 27.85
N ALA A 171 -13.35 -11.87 28.18
CA ALA A 171 -13.77 -11.20 29.38
C ALA A 171 -15.07 -10.41 29.20
N ARG A 172 -15.40 -10.01 27.97
CA ARG A 172 -16.45 -9.02 27.75
C ARG A 172 -17.61 -9.40 26.86
N SER A 173 -17.54 -10.43 26.01
CA SER A 173 -18.67 -10.71 25.12
C SER A 173 -19.80 -11.47 25.77
N VAL A 174 -21.02 -11.10 25.39
CA VAL A 174 -22.23 -11.86 25.70
C VAL A 174 -22.92 -12.18 24.36
N ALA A 175 -23.44 -13.39 24.29
CA ALA A 175 -23.86 -13.87 22.97
C ALA A 175 -25.25 -13.36 22.64
N ASP A 176 -26.05 -13.15 23.68
CA ASP A 176 -27.38 -12.60 23.54
C ASP A 176 -27.38 -11.08 23.54
N PRO A 177 -27.70 -10.44 22.42
CA PRO A 177 -27.73 -8.97 22.42
C PRO A 177 -28.75 -8.44 23.42
N GLN A 178 -29.74 -9.25 23.80
CA GLN A 178 -30.66 -8.84 24.86
C GLN A 178 -30.03 -8.96 26.27
N ALA A 179 -28.90 -9.62 26.39
CA ALA A 179 -28.14 -10.01 27.57
C ALA A 179 -27.34 -8.87 28.17
N LEU A 180 -27.16 -7.85 27.33
CA LEU A 180 -26.33 -6.72 27.70
C LEU A 180 -26.87 -6.10 28.96
N LYS A 181 -26.02 -5.89 29.96
CA LYS A 181 -26.57 -5.34 31.20
C LYS A 181 -25.84 -4.12 31.70
N GLY A 182 -26.57 -3.18 32.32
CA GLY A 182 -25.84 -2.06 32.86
C GLY A 182 -25.60 -0.99 31.81
N PRO A 183 -24.95 0.07 32.24
CA PRO A 183 -24.70 1.25 31.40
C PRO A 183 -23.71 0.99 30.28
N GLY A 184 -22.86 -0.02 30.35
CA GLY A 184 -21.82 -0.33 29.38
C GLY A 184 -20.93 -1.45 29.87
N GLY A 185 -19.97 -1.91 29.10
CA GLY A 185 -19.03 -2.91 29.56
C GLY A 185 -18.93 -4.17 28.77
N GLN A 186 -19.92 -4.47 27.93
CA GLN A 186 -19.88 -5.73 27.22
C GLN A 186 -19.83 -5.51 25.71
N ILE A 187 -19.60 -6.61 25.02
CA ILE A 187 -19.55 -6.69 23.57
C ILE A 187 -20.55 -7.74 23.10
N THR A 188 -21.43 -7.40 22.15
CA THR A 188 -22.24 -8.47 21.54
C THR A 188 -22.10 -8.37 20.02
N PHE A 189 -22.66 -9.32 19.27
CA PHE A 189 -22.65 -9.35 17.81
C PHE A 189 -24.07 -9.26 17.27
N VAL A 190 -24.33 -8.57 16.16
CA VAL A 190 -25.67 -8.68 15.56
C VAL A 190 -25.56 -8.96 14.06
N TRP A 191 -26.63 -9.52 13.49
CA TRP A 191 -26.66 -9.84 12.07
C TRP A 191 -27.59 -8.93 11.27
N GLN A 192 -27.06 -8.36 10.19
CA GLN A 192 -27.88 -7.66 9.22
C GLN A 192 -27.50 -8.08 7.80
N THR A 193 -28.45 -8.00 6.87
CA THR A 193 -28.15 -8.19 5.44
C THR A 193 -28.19 -6.80 4.79
N PRO A 194 -27.10 -6.07 4.74
CA PRO A 194 -27.25 -4.68 4.29
C PRO A 194 -27.46 -4.67 2.78
N LEU A 195 -28.31 -3.76 2.32
CA LEU A 195 -28.50 -3.61 0.88
C LEU A 195 -27.11 -3.36 0.31
N ALA A 196 -26.87 -3.81 -0.91
CA ALA A 196 -25.51 -3.60 -1.43
C ALA A 196 -25.50 -2.24 -2.15
N VAL A 197 -25.20 -1.26 -1.32
CA VAL A 197 -25.09 0.16 -1.65
C VAL A 197 -23.78 0.69 -1.05
N SER A 198 -22.98 1.39 -1.83
CA SER A 198 -21.72 1.90 -1.25
C SER A 198 -21.53 3.37 -1.64
N ALA A 199 -20.87 4.10 -0.76
CA ALA A 199 -20.60 5.52 -0.97
C ALA A 199 -19.71 5.66 -2.19
N THR A 200 -18.73 4.76 -2.34
CA THR A 200 -17.89 4.85 -3.54
C THR A 200 -18.61 4.70 -4.86
N GLN A 201 -19.55 3.75 -4.92
CA GLN A 201 -20.39 3.57 -6.09
C GLN A 201 -21.27 4.78 -6.32
N ILE A 202 -21.85 5.34 -5.25
CA ILE A 202 -22.69 6.52 -5.49
C ILE A 202 -21.82 7.67 -5.99
N ARG A 203 -20.62 7.87 -5.45
CA ARG A 203 -19.77 8.96 -5.92
C ARG A 203 -19.48 8.77 -7.40
N ALA A 204 -19.18 7.54 -7.82
CA ALA A 204 -18.94 7.31 -9.25
C ALA A 204 -20.13 7.62 -10.14
N LEU A 205 -21.34 7.24 -9.73
CA LEU A 205 -22.54 7.52 -10.52
C LEU A 205 -22.77 9.00 -10.70
N LEU A 206 -22.63 9.75 -9.60
CA LEU A 206 -22.85 11.19 -9.59
C LEU A 206 -21.82 11.86 -10.50
N GLY A 207 -20.57 11.44 -10.41
CA GLY A 207 -19.51 11.94 -11.28
C GLY A 207 -19.84 11.80 -12.76
N ALA A 208 -20.55 10.73 -13.13
CA ALA A 208 -20.98 10.47 -14.49
C ALA A 208 -22.36 11.06 -14.78
N GLY A 209 -22.83 11.94 -13.89
CA GLY A 209 -24.11 12.61 -14.14
C GLY A 209 -25.30 11.67 -14.11
N ARG A 210 -25.14 10.56 -13.39
CA ARG A 210 -26.24 9.61 -13.32
C ARG A 210 -27.03 9.75 -12.03
N SER A 211 -28.26 9.24 -12.05
CA SER A 211 -29.21 9.39 -10.95
C SER A 211 -28.95 8.45 -9.79
N VAL A 212 -28.77 8.95 -8.56
CA VAL A 212 -28.57 8.01 -7.46
C VAL A 212 -29.91 7.91 -6.73
N ARG A 213 -31.00 8.22 -7.45
CA ARG A 213 -32.32 8.16 -6.84
C ARG A 213 -32.59 6.78 -6.22
N PHE A 214 -33.07 6.73 -5.00
CA PHE A 214 -33.43 5.47 -4.34
C PHE A 214 -32.21 4.71 -3.86
N LEU A 215 -31.00 5.28 -3.96
CA LEU A 215 -29.81 4.63 -3.41
C LEU A 215 -29.47 5.31 -2.08
N VAL A 216 -30.12 6.44 -1.92
CA VAL A 216 -29.95 7.35 -0.81
C VAL A 216 -31.35 7.83 -0.42
N PRO A 217 -31.52 8.29 0.82
CA PRO A 217 -32.78 8.88 1.23
C PRO A 217 -33.18 10.02 0.33
N ASP A 218 -34.46 10.10 0.01
CA ASP A 218 -34.98 11.15 -0.87
C ASP A 218 -34.62 12.54 -0.38
N ALA A 219 -34.54 12.77 0.93
CA ALA A 219 -34.11 14.11 1.32
C ALA A 219 -32.62 14.36 1.03
N VAL A 220 -31.80 13.33 1.07
CA VAL A 220 -30.36 13.38 0.78
C VAL A 220 -30.14 13.54 -0.71
N LEU A 221 -30.92 12.80 -1.52
CA LEU A 221 -30.93 13.01 -2.95
C LEU A 221 -31.13 14.50 -3.28
N ASN A 222 -32.13 15.07 -2.60
CA ASN A 222 -32.58 16.42 -2.88
C ASN A 222 -31.53 17.46 -2.51
N TYR A 223 -30.85 17.14 -1.41
CA TYR A 223 -29.75 17.98 -0.98
C TYR A 223 -28.62 17.83 -2.00
N ILE A 224 -28.34 16.60 -2.42
CA ILE A 224 -27.22 16.43 -3.35
C ILE A 224 -27.51 17.16 -4.65
N GLU A 225 -28.75 17.08 -5.12
CA GLU A 225 -29.06 17.74 -6.42
C GLU A 225 -29.12 19.26 -6.25
N ALA A 226 -29.69 19.74 -5.13
CA ALA A 226 -29.78 21.16 -4.91
C ALA A 226 -28.41 21.85 -4.85
N HIS A 227 -27.46 21.19 -4.17
CA HIS A 227 -26.14 21.75 -3.97
C HIS A 227 -25.13 21.24 -5.01
N HIS A 228 -25.57 20.49 -5.98
CA HIS A 228 -24.88 19.91 -7.12
C HIS A 228 -23.63 19.14 -6.72
N LEU A 229 -23.76 18.33 -5.67
CA LEU A 229 -22.62 17.69 -5.04
C LEU A 229 -22.09 16.49 -5.82
N TYR A 230 -20.80 16.24 -5.69
CA TYR A 230 -20.10 15.11 -6.28
C TYR A 230 -20.11 15.16 -7.79
N ARG A 231 -20.27 16.39 -8.31
CA ARG A 231 -20.32 16.54 -9.76
C ARG A 231 -18.92 16.55 -10.36
N ALA A 232 -18.79 15.87 -11.50
CA ALA A 232 -17.62 15.92 -12.36
C ALA A 232 -16.99 17.31 -12.43
N PRO A 233 -15.73 17.42 -12.04
CA PRO A 233 -14.88 18.57 -12.32
C PRO A 233 -15.19 19.23 -13.66
N GLY B 22 -6.92 35.93 -15.78
CA GLY B 22 -5.54 35.50 -15.92
C GLY B 22 -5.41 33.99 -16.01
N LYS B 23 -4.19 33.48 -16.22
CA LYS B 23 -4.05 32.02 -16.35
C LYS B 23 -3.64 31.38 -15.02
N ARG B 24 -4.00 30.10 -14.88
CA ARG B 24 -3.56 29.35 -13.72
C ARG B 24 -2.35 28.51 -14.07
N ILE B 25 -1.19 28.84 -13.51
CA ILE B 25 0.06 28.15 -13.88
C ILE B 25 0.60 27.32 -12.74
N GLY B 26 0.92 26.04 -13.05
CA GLY B 26 1.51 25.15 -12.07
C GLY B 26 3.00 24.93 -12.32
N LEU B 27 3.73 24.72 -11.24
CA LEU B 27 5.14 24.36 -11.21
C LEU B 27 5.34 23.06 -10.46
N PHE B 28 5.97 22.05 -11.05
CA PHE B 28 6.21 20.78 -10.37
C PHE B 28 7.67 20.35 -10.47
N GLY B 29 8.37 20.50 -9.37
CA GLY B 29 9.80 20.39 -9.36
C GLY B 29 10.32 19.01 -9.08
N GLY B 30 11.58 18.79 -9.48
CA GLY B 30 12.12 17.51 -9.00
C GLY B 30 13.26 17.09 -9.92
N THR B 31 13.89 16.00 -9.50
CA THR B 31 15.08 15.60 -10.25
C THR B 31 14.71 14.79 -11.49
N PHE B 32 13.73 13.87 -11.40
CA PHE B 32 13.31 13.11 -12.59
C PHE B 32 14.45 12.28 -13.19
N ASP B 33 14.87 11.27 -12.45
CA ASP B 33 16.07 10.52 -12.81
C ASP B 33 15.82 9.03 -12.86
N PRO B 34 14.94 8.50 -13.71
CA PRO B 34 14.16 9.24 -14.68
C PRO B 34 12.76 9.67 -14.25
N VAL B 35 12.13 10.54 -15.03
CA VAL B 35 10.70 10.83 -14.91
C VAL B 35 9.92 9.54 -15.07
N HIS B 36 8.85 9.33 -14.29
CA HIS B 36 8.19 8.02 -14.47
C HIS B 36 6.68 8.20 -14.25
N ILE B 37 5.88 7.14 -14.34
CA ILE B 37 4.42 7.32 -14.28
C ILE B 37 3.92 7.88 -12.96
N GLY B 38 4.68 7.66 -11.90
CA GLY B 38 4.29 8.13 -10.57
C GLY B 38 4.34 9.65 -10.55
N HIS B 39 5.44 10.17 -11.09
CA HIS B 39 5.53 11.58 -11.35
C HIS B 39 4.44 12.05 -12.29
N MET B 40 4.27 11.33 -13.43
CA MET B 40 3.34 11.84 -14.43
C MET B 40 1.89 11.71 -14.01
N ARG B 41 1.53 10.64 -13.29
CA ARG B 41 0.11 10.53 -12.90
C ARG B 41 -0.22 11.61 -11.90
N SER B 42 0.74 11.94 -11.04
CA SER B 42 0.56 13.00 -10.05
C SER B 42 0.43 14.34 -10.72
N ALA B 43 1.08 14.53 -11.86
CA ALA B 43 0.93 15.83 -12.54
C ALA B 43 -0.49 15.99 -13.11
N VAL B 44 -0.88 14.92 -13.81
CA VAL B 44 -2.19 14.88 -14.47
C VAL B 44 -3.25 15.25 -13.44
N GLU B 45 -3.03 14.65 -12.28
CA GLU B 45 -4.03 14.73 -11.22
C GLU B 45 -4.08 16.12 -10.65
N MET B 46 -2.90 16.72 -10.46
CA MET B 46 -2.97 18.06 -9.88
C MET B 46 -3.43 19.08 -10.90
N ALA B 47 -3.07 18.90 -12.17
CA ALA B 47 -3.53 19.86 -13.17
C ALA B 47 -5.04 19.80 -13.35
N GLU B 48 -5.59 18.64 -13.02
CA GLU B 48 -7.03 18.43 -13.09
C GLU B 48 -7.69 19.04 -11.86
N GLN B 49 -7.13 18.71 -10.69
CA GLN B 49 -7.68 19.18 -9.44
C GLN B 49 -7.68 20.71 -9.34
N PHE B 50 -6.67 21.35 -9.90
CA PHE B 50 -6.65 22.81 -9.81
C PHE B 50 -7.06 23.49 -11.09
N ALA B 51 -7.65 22.75 -12.03
CA ALA B 51 -8.03 23.25 -13.35
C ALA B 51 -6.98 24.14 -13.99
N LEU B 52 -5.71 23.73 -13.95
CA LEU B 52 -4.65 24.54 -14.49
C LEU B 52 -4.69 24.76 -15.99
N ASP B 53 -4.22 25.90 -16.46
CA ASP B 53 -4.03 26.12 -17.89
C ASP B 53 -2.81 25.32 -18.38
N GLU B 54 -1.79 25.33 -17.54
CA GLU B 54 -0.62 24.52 -17.85
C GLU B 54 0.06 24.14 -16.54
N LEU B 55 0.64 22.96 -16.50
CA LEU B 55 1.51 22.55 -15.40
C LEU B 55 2.92 22.40 -15.95
N ARG B 56 3.90 23.07 -15.35
CA ARG B 56 5.25 22.94 -15.92
C ARG B 56 6.08 21.97 -15.07
N LEU B 57 6.56 20.88 -15.64
CA LEU B 57 7.56 20.06 -14.97
C LEU B 57 8.86 20.85 -14.92
N LEU B 58 9.45 20.88 -13.72
CA LEU B 58 10.61 21.71 -13.48
C LEU B 58 11.85 20.89 -13.12
N PRO B 59 12.60 20.38 -14.10
CA PRO B 59 13.75 19.55 -13.73
C PRO B 59 14.74 20.41 -12.98
N ASN B 60 15.25 19.86 -11.87
CA ASN B 60 16.11 20.76 -11.10
C ASN B 60 17.57 20.53 -11.46
N ALA B 61 18.34 21.60 -11.28
CA ALA B 61 19.78 21.48 -11.45
C ALA B 61 20.45 20.83 -10.25
N ARG B 62 21.62 20.23 -10.47
CA ARG B 62 22.40 19.73 -9.33
C ARG B 62 23.86 19.63 -9.79
N PRO B 63 24.78 19.50 -8.85
CA PRO B 63 26.18 19.36 -9.22
C PRO B 63 26.35 18.20 -10.20
N PRO B 64 27.20 18.44 -11.19
CA PRO B 64 27.46 17.42 -12.21
C PRO B 64 27.76 16.05 -11.62
N HIS B 65 28.44 16.00 -10.48
CA HIS B 65 28.86 14.79 -9.81
C HIS B 65 27.74 14.14 -9.03
N ARG B 66 26.58 14.80 -8.98
CA ARG B 66 25.48 14.09 -8.34
C ARG B 66 24.44 13.62 -9.31
N GLU B 67 24.84 13.75 -10.59
CA GLU B 67 24.06 13.11 -11.64
C GLU B 67 24.30 11.61 -11.60
N THR B 68 23.30 10.87 -12.09
CA THR B 68 23.56 9.42 -12.20
C THR B 68 24.63 9.30 -13.28
N PRO B 69 25.68 8.54 -13.01
CA PRO B 69 26.73 8.40 -14.02
C PRO B 69 26.09 7.92 -15.33
N GLN B 70 26.51 8.57 -16.38
CA GLN B 70 26.19 8.53 -17.79
C GLN B 70 24.70 8.77 -18.06
N VAL B 71 24.02 9.52 -17.19
CA VAL B 71 22.76 10.17 -17.52
C VAL B 71 22.84 11.65 -17.14
N SER B 72 22.91 12.51 -18.10
CA SER B 72 23.26 13.91 -17.83
C SER B 72 22.05 14.72 -17.41
N ALA B 73 22.28 15.91 -16.89
CA ALA B 73 21.21 16.91 -16.79
C ALA B 73 20.48 17.10 -18.11
N ALA B 74 21.15 17.17 -19.26
CA ALA B 74 20.39 17.34 -20.51
C ALA B 74 19.59 16.11 -20.90
N GLN B 75 20.01 14.90 -20.47
CA GLN B 75 19.13 13.77 -20.84
C GLN B 75 17.93 13.71 -19.87
N ARG B 76 18.11 14.08 -18.60
CA ARG B 76 16.96 14.17 -17.68
C ARG B 76 15.92 15.06 -18.36
N LEU B 77 16.39 16.20 -18.86
CA LEU B 77 15.49 17.10 -19.57
C LEU B 77 14.80 16.43 -20.75
N ALA B 78 15.54 15.73 -21.59
CA ALA B 78 14.90 15.18 -22.80
C ALA B 78 13.77 14.23 -22.43
N MET B 79 14.04 13.47 -21.37
CA MET B 79 13.07 12.45 -20.90
C MET B 79 11.82 13.15 -20.41
N VAL B 80 11.99 14.21 -19.61
CA VAL B 80 10.75 14.94 -19.28
C VAL B 80 10.10 15.49 -20.53
N GLU B 81 10.85 16.00 -21.51
CA GLU B 81 10.24 16.48 -22.74
C GLU B 81 9.41 15.41 -23.43
N ARG B 82 9.96 14.18 -23.48
CA ARG B 82 9.32 13.05 -24.11
C ARG B 82 8.01 12.72 -23.35
N ALA B 83 8.07 12.95 -22.04
CA ALA B 83 6.94 12.66 -21.17
C ALA B 83 5.75 13.57 -21.39
N VAL B 84 6.00 14.82 -21.79
CA VAL B 84 4.91 15.76 -21.93
C VAL B 84 4.59 16.04 -23.39
N ALA B 85 5.46 15.56 -24.28
CA ALA B 85 5.21 15.70 -25.72
C ALA B 85 3.80 15.25 -26.03
N GLY B 86 2.95 16.13 -26.58
CA GLY B 86 1.58 15.77 -26.85
C GLY B 86 0.69 15.47 -25.67
N VAL B 87 1.03 15.91 -24.45
CA VAL B 87 0.05 15.68 -23.37
C VAL B 87 -0.65 17.02 -23.11
N GLU B 88 -1.93 17.03 -22.80
CA GLU B 88 -2.64 18.29 -22.58
C GLU B 88 -2.34 18.86 -21.19
N ARG B 89 -2.10 20.17 -21.18
CA ARG B 89 -1.91 20.91 -19.95
C ARG B 89 -0.51 20.68 -19.37
N LEU B 90 0.39 19.97 -20.04
CA LEU B 90 1.69 19.69 -19.40
C LEU B 90 2.83 20.21 -20.27
N THR B 91 3.82 20.86 -19.65
CA THR B 91 4.95 21.36 -20.43
C THR B 91 6.18 21.20 -19.53
N VAL B 92 7.33 21.64 -20.05
CA VAL B 92 8.60 21.58 -19.36
C VAL B 92 9.22 22.98 -19.28
N ASP B 93 9.62 23.42 -18.09
CA ASP B 93 10.44 24.63 -18.00
C ASP B 93 11.87 24.25 -17.66
N PRO B 94 12.83 24.49 -18.54
CA PRO B 94 14.20 24.05 -18.28
C PRO B 94 15.04 25.07 -17.53
N ARG B 95 14.41 26.15 -17.09
CA ARG B 95 15.14 27.32 -16.62
C ARG B 95 16.18 26.98 -15.57
N GLU B 96 15.97 26.02 -14.66
CA GLU B 96 16.98 25.81 -13.61
C GLU B 96 18.19 25.05 -14.15
N LEU B 97 18.06 24.44 -15.32
CA LEU B 97 19.15 23.69 -15.94
C LEU B 97 19.98 24.59 -16.86
N GLN B 98 19.52 25.81 -17.11
CA GLN B 98 20.21 26.75 -18.00
C GLN B 98 20.83 27.86 -17.15
N ARG B 99 21.73 27.42 -16.28
CA ARG B 99 22.41 28.30 -15.35
C ARG B 99 23.78 27.71 -15.01
N ASP B 100 24.70 28.54 -14.55
CA ASP B 100 26.02 28.21 -14.03
C ASP B 100 25.99 26.81 -13.39
N LYS B 101 25.34 26.81 -12.24
CA LYS B 101 25.08 25.70 -11.34
C LYS B 101 23.63 25.71 -10.93
N PRO B 102 23.13 24.80 -10.11
CA PRO B 102 21.76 25.02 -9.62
C PRO B 102 21.64 26.33 -8.86
N SER B 103 20.41 26.72 -8.52
CA SER B 103 20.24 27.88 -7.67
C SER B 103 19.19 27.59 -6.59
N TYR B 104 18.39 28.61 -6.30
CA TYR B 104 17.40 28.48 -5.25
C TYR B 104 16.00 28.67 -5.82
N THR B 105 15.01 28.00 -5.23
CA THR B 105 13.66 28.10 -5.77
C THR B 105 13.15 29.51 -5.95
N ILE B 106 13.46 30.38 -4.99
CA ILE B 106 12.91 31.74 -5.01
C ILE B 106 13.32 32.52 -6.25
N ASP B 107 14.54 32.26 -6.72
CA ASP B 107 14.99 32.87 -7.98
C ASP B 107 14.15 32.43 -9.16
N THR B 108 13.71 31.17 -9.15
CA THR B 108 12.90 30.62 -10.23
C THR B 108 11.51 31.26 -10.29
N LEU B 109 10.96 31.33 -9.07
CA LEU B 109 9.76 32.06 -8.74
C LEU B 109 9.80 33.48 -9.27
N GLU B 110 10.86 34.22 -8.93
CA GLU B 110 10.96 35.59 -9.45
C GLU B 110 11.05 35.62 -10.96
N SER B 111 11.84 34.73 -11.52
CA SER B 111 12.00 34.62 -12.98
C SER B 111 10.71 34.25 -13.67
N VAL B 112 10.03 33.20 -13.19
CA VAL B 112 8.74 32.86 -13.78
C VAL B 112 7.76 34.04 -13.65
N ARG B 113 7.79 34.67 -12.49
CA ARG B 113 6.85 35.75 -12.16
C ARG B 113 7.17 37.06 -12.88
N ALA B 114 8.23 37.11 -13.68
CA ALA B 114 8.50 38.29 -14.50
C ALA B 114 7.97 38.10 -15.91
N GLU B 115 7.77 36.83 -16.28
CA GLU B 115 7.18 36.57 -17.60
C GLU B 115 5.67 36.41 -17.48
N LEU B 116 5.17 36.58 -16.25
CA LEU B 116 3.77 36.37 -15.96
C LEU B 116 3.01 37.68 -15.77
N ALA B 117 1.71 37.59 -16.03
CA ALA B 117 0.79 38.69 -15.80
C ALA B 117 0.55 38.89 -14.31
N ALA B 118 0.21 40.12 -13.94
CA ALA B 118 0.01 40.42 -12.53
C ALA B 118 -1.05 39.54 -11.91
N ASP B 119 -2.06 39.11 -12.67
CA ASP B 119 -3.10 38.37 -11.97
C ASP B 119 -3.06 36.88 -12.30
N ASP B 120 -1.98 36.45 -12.94
CA ASP B 120 -1.80 35.02 -13.21
C ASP B 120 -1.69 34.32 -11.86
N GLN B 121 -2.27 33.13 -11.70
CA GLN B 121 -2.13 32.45 -10.40
C GLN B 121 -1.08 31.35 -10.51
N LEU B 122 -0.17 31.29 -9.54
CA LEU B 122 0.91 30.30 -9.78
C LEU B 122 0.86 29.29 -8.66
N PHE B 123 0.97 28.00 -8.98
CA PHE B 123 0.89 26.95 -7.99
C PHE B 123 2.10 26.02 -8.01
N MET B 124 2.88 26.06 -6.94
CA MET B 124 4.07 25.22 -6.80
C MET B 124 3.71 24.03 -5.93
N LEU B 125 3.78 22.85 -6.54
CA LEU B 125 3.48 21.59 -5.88
C LEU B 125 4.72 21.05 -5.22
N ILE B 126 4.62 20.63 -3.97
CA ILE B 126 5.79 20.03 -3.35
C ILE B 126 5.36 18.94 -2.40
N GLY B 127 6.26 17.99 -2.12
CA GLY B 127 5.95 16.90 -1.24
C GLY B 127 5.93 17.38 0.20
N TRP B 128 5.30 16.57 1.04
CA TRP B 128 5.17 16.81 2.45
C TRP B 128 6.54 16.86 3.12
N ASP B 129 7.32 15.79 2.91
CA ASP B 129 8.65 15.80 3.58
C ASP B 129 9.49 16.95 3.03
N ALA B 130 9.43 17.18 1.71
CA ALA B 130 10.10 18.37 1.20
C ALA B 130 9.51 19.61 1.87
N PHE B 131 8.22 19.54 2.19
CA PHE B 131 7.60 20.71 2.80
C PHE B 131 8.17 20.99 4.18
N CYS B 132 8.29 19.93 4.98
CA CYS B 132 8.78 20.15 6.33
C CYS B 132 10.20 20.72 6.38
N GLY B 133 10.94 20.64 5.28
CA GLY B 133 12.30 21.17 5.30
C GLY B 133 12.45 22.58 4.77
N LEU B 134 11.34 23.19 4.36
CA LEU B 134 11.20 24.53 3.81
C LEU B 134 11.83 25.63 4.65
N PRO B 135 11.82 25.59 5.98
CA PRO B 135 12.53 26.68 6.67
C PRO B 135 14.02 26.64 6.34
N THR B 136 14.54 25.51 5.89
CA THR B 136 15.91 25.41 5.39
C THR B 136 16.04 25.75 3.92
N TRP B 137 15.10 26.46 3.32
CA TRP B 137 15.24 26.99 1.97
C TRP B 137 15.57 28.49 2.00
N HIS B 138 16.18 28.98 0.93
CA HIS B 138 16.59 30.37 0.83
C HIS B 138 15.45 31.36 0.68
N ARG B 139 15.46 32.41 1.49
CA ARG B 139 14.42 33.43 1.45
C ARG B 139 13.03 32.77 1.50
N TRP B 140 12.92 31.71 2.25
CA TRP B 140 11.74 30.86 2.35
C TRP B 140 10.49 31.65 2.74
N GLU B 141 10.70 32.79 3.39
CA GLU B 141 9.53 33.60 3.77
C GLU B 141 9.03 34.40 2.57
N ALA B 142 9.83 34.54 1.51
CA ALA B 142 9.40 35.27 0.34
C ALA B 142 8.80 34.33 -0.74
N LEU B 143 8.87 33.03 -0.50
CA LEU B 143 8.36 32.10 -1.52
C LEU B 143 6.92 32.45 -1.87
N LEU B 144 6.17 32.62 -0.78
CA LEU B 144 4.72 32.81 -0.86
C LEU B 144 4.35 34.20 -1.34
N ASP B 145 5.37 35.08 -1.48
CA ASP B 145 5.09 36.33 -2.18
C ASP B 145 4.72 36.13 -3.64
N HIS B 146 5.02 34.97 -4.20
CA HIS B 146 4.99 34.80 -5.65
C HIS B 146 4.10 33.67 -6.17
N CYS B 147 3.65 32.83 -5.24
CA CYS B 147 2.87 31.66 -5.61
C CYS B 147 2.01 31.19 -4.47
N HIS B 148 1.05 30.32 -4.76
CA HIS B 148 0.50 29.53 -3.68
C HIS B 148 1.26 28.21 -3.62
N ILE B 149 1.39 27.69 -2.41
CA ILE B 149 2.08 26.40 -2.33
C ILE B 149 1.10 25.25 -2.15
N VAL B 150 1.17 24.25 -3.02
CA VAL B 150 0.35 23.07 -2.82
C VAL B 150 1.16 21.89 -2.30
N VAL B 151 0.71 21.37 -1.17
CA VAL B 151 1.48 20.28 -0.55
C VAL B 151 0.82 18.92 -0.71
N LEU B 152 1.63 18.01 -1.24
CA LEU B 152 1.24 16.66 -1.61
C LEU B 152 1.28 15.76 -0.39
N GLN B 153 0.07 15.39 0.05
CA GLN B 153 0.03 14.42 1.14
C GLN B 153 -0.30 13.06 0.53
N ARG B 154 0.26 12.04 1.16
CA ARG B 154 0.13 10.67 0.65
C ARG B 154 0.32 9.73 1.83
N PRO B 155 -0.01 8.46 1.65
CA PRO B 155 0.27 7.51 2.74
C PRO B 155 1.79 7.37 2.87
N ASP B 156 2.27 7.29 4.10
CA ASP B 156 3.66 7.11 4.46
C ASP B 156 4.49 8.36 4.14
N ALA B 157 3.95 9.49 4.56
CA ALA B 157 4.51 10.83 4.61
C ALA B 157 3.72 11.67 5.62
N ASP B 158 4.05 11.50 6.88
CA ASP B 158 3.48 11.96 8.12
C ASP B 158 2.31 12.92 7.97
N SER B 159 2.40 14.03 8.68
CA SER B 159 1.51 15.16 8.72
C SER B 159 1.58 15.82 10.10
N GLU B 160 2.81 16.03 10.56
CA GLU B 160 3.14 16.69 11.82
C GLU B 160 4.32 17.63 11.59
N PRO B 161 4.03 18.86 11.19
CA PRO B 161 5.13 19.74 10.76
C PRO B 161 5.94 20.26 11.96
N PRO B 162 7.18 20.60 11.67
CA PRO B 162 8.00 21.32 12.63
C PRO B 162 7.31 22.56 13.20
N GLU B 163 7.59 22.81 14.46
CA GLU B 163 7.24 24.01 15.20
C GLU B 163 7.62 25.27 14.44
N SER B 164 8.69 25.16 13.66
CA SER B 164 9.24 26.32 12.98
C SER B 164 8.31 26.77 11.86
N LEU B 165 7.34 25.95 11.51
CA LEU B 165 6.32 26.27 10.50
C LEU B 165 4.96 26.59 11.09
N ARG B 166 4.82 26.52 12.42
CA ARG B 166 3.49 26.74 12.99
C ARG B 166 2.96 28.13 12.68
N ASP B 167 3.81 29.16 12.80
CA ASP B 167 3.26 30.46 12.43
C ASP B 167 2.94 30.57 10.94
N LEU B 168 3.69 29.93 10.06
CA LEU B 168 3.39 30.03 8.63
C LEU B 168 2.01 29.47 8.29
N LEU B 169 1.76 28.25 8.75
CA LEU B 169 0.47 27.63 8.43
C LEU B 169 -0.62 28.53 9.02
N ALA B 170 -0.30 29.04 10.21
CA ALA B 170 -1.24 29.94 10.86
C ALA B 170 -1.54 31.12 9.96
N ALA B 171 -0.49 31.75 9.45
CA ALA B 171 -0.80 32.93 8.65
C ALA B 171 -1.42 32.55 7.31
N ARG B 172 -1.04 31.40 6.75
CA ARG B 172 -1.35 31.15 5.34
C ARG B 172 -2.13 29.91 4.95
N SER B 173 -2.35 28.93 5.82
CA SER B 173 -2.99 27.71 5.29
C SER B 173 -4.45 27.99 4.96
N VAL B 174 -4.96 27.35 3.91
CA VAL B 174 -6.39 27.36 3.62
C VAL B 174 -6.87 25.92 3.44
N ALA B 175 -7.96 25.59 4.12
CA ALA B 175 -8.37 24.19 4.21
C ALA B 175 -8.73 23.65 2.85
N ASP B 176 -9.57 24.45 2.20
CA ASP B 176 -10.21 24.18 0.94
C ASP B 176 -9.35 24.58 -0.24
N PRO B 177 -8.65 23.63 -0.85
CA PRO B 177 -7.78 23.95 -2.01
C PRO B 177 -8.46 24.75 -3.11
N GLN B 178 -9.78 24.79 -3.19
CA GLN B 178 -10.42 25.66 -4.19
C GLN B 178 -10.60 27.10 -3.69
N ALA B 179 -10.12 27.36 -2.49
CA ALA B 179 -10.19 28.61 -1.77
C ALA B 179 -8.94 29.45 -1.94
N LEU B 180 -7.86 28.85 -2.44
CA LEU B 180 -6.69 29.65 -2.81
C LEU B 180 -7.08 30.83 -3.68
N LYS B 181 -6.78 32.06 -3.27
CA LYS B 181 -7.30 33.25 -3.95
C LYS B 181 -6.21 34.15 -4.50
N GLY B 182 -6.45 34.86 -5.60
CA GLY B 182 -5.39 35.76 -6.01
C GLY B 182 -4.15 35.03 -6.52
N PRO B 183 -3.11 35.78 -6.83
CA PRO B 183 -2.00 35.20 -7.59
C PRO B 183 -1.17 34.25 -6.75
N GLY B 184 -1.23 34.32 -5.43
CA GLY B 184 -0.31 33.52 -4.62
C GLY B 184 -0.54 33.88 -3.14
N GLY B 185 0.23 33.34 -2.22
CA GLY B 185 0.22 33.77 -0.84
C GLY B 185 -0.33 32.78 0.14
N GLN B 186 -1.08 31.80 -0.38
CA GLN B 186 -1.64 30.77 0.48
C GLN B 186 -1.04 29.39 0.28
N ILE B 187 -1.19 28.56 1.32
CA ILE B 187 -0.79 27.18 1.33
C ILE B 187 -2.02 26.29 1.49
N THR B 188 -2.05 25.15 0.83
CA THR B 188 -3.16 24.21 1.08
C THR B 188 -2.64 22.80 0.88
N PHE B 189 -3.39 21.80 1.35
CA PHE B 189 -2.86 20.43 1.29
C PHE B 189 -3.76 19.59 0.41
N VAL B 190 -3.15 18.67 -0.33
CA VAL B 190 -3.94 17.77 -1.17
C VAL B 190 -3.52 16.32 -0.95
N TRP B 191 -4.45 15.44 -1.28
CA TRP B 191 -4.15 14.01 -1.09
C TRP B 191 -4.09 13.32 -2.43
N GLN B 192 -3.03 12.53 -2.54
CA GLN B 192 -2.88 11.56 -3.61
C GLN B 192 -2.35 10.25 -3.03
N THR B 193 -2.65 9.15 -3.70
CA THR B 193 -2.02 7.87 -3.45
C THR B 193 -1.28 7.53 -4.75
N PRO B 194 0.00 7.84 -4.80
CA PRO B 194 0.67 7.69 -6.09
C PRO B 194 0.99 6.22 -6.30
N LEU B 195 1.14 5.86 -7.56
CA LEU B 195 1.60 4.54 -7.90
C LEU B 195 2.86 4.20 -7.12
N ALA B 196 2.98 2.91 -6.83
CA ALA B 196 4.15 2.37 -6.15
C ALA B 196 5.26 2.12 -7.17
N VAL B 197 5.96 3.20 -7.48
CA VAL B 197 6.96 3.28 -8.54
C VAL B 197 8.02 4.28 -8.12
N SER B 198 9.31 3.92 -8.15
CA SER B 198 10.32 4.95 -7.90
C SER B 198 11.47 4.86 -8.88
N ALA B 199 12.10 6.00 -9.16
CA ALA B 199 13.30 6.12 -9.95
C ALA B 199 14.39 5.21 -9.42
N THR B 200 14.62 5.17 -8.11
CA THR B 200 15.62 4.26 -7.55
C THR B 200 15.41 2.80 -7.94
N GLN B 201 14.17 2.37 -7.82
CA GLN B 201 13.72 1.07 -8.24
C GLN B 201 14.00 0.88 -9.73
N ILE B 202 13.58 1.88 -10.49
CA ILE B 202 13.74 1.82 -11.94
C ILE B 202 15.21 1.78 -12.35
N ARG B 203 16.09 2.53 -11.68
CA ARG B 203 17.51 2.52 -12.06
C ARG B 203 18.08 1.14 -11.77
N ALA B 204 17.58 0.52 -10.70
CA ALA B 204 18.04 -0.80 -10.29
C ALA B 204 17.70 -1.88 -11.32
N LEU B 205 16.47 -1.83 -11.82
CA LEU B 205 15.95 -2.76 -12.82
C LEU B 205 16.81 -2.64 -14.07
N LEU B 206 16.96 -1.39 -14.53
CA LEU B 206 17.73 -1.14 -15.75
C LEU B 206 19.16 -1.58 -15.57
N GLY B 207 19.73 -1.42 -14.38
CA GLY B 207 21.05 -1.94 -14.07
C GLY B 207 21.14 -3.43 -14.35
N ALA B 208 20.12 -4.17 -13.88
CA ALA B 208 20.03 -5.59 -14.11
C ALA B 208 19.53 -5.98 -15.48
N GLY B 209 19.44 -5.02 -16.40
CA GLY B 209 19.00 -5.34 -17.75
C GLY B 209 17.53 -5.71 -17.85
N ARG B 210 16.75 -5.51 -16.80
CA ARG B 210 15.33 -5.85 -16.79
C ARG B 210 14.52 -4.69 -17.37
N SER B 211 13.32 -5.02 -17.81
CA SER B 211 12.42 -4.13 -18.52
C SER B 211 11.75 -3.13 -17.58
N VAL B 212 11.78 -1.83 -17.91
CA VAL B 212 10.98 -0.99 -16.99
C VAL B 212 9.73 -0.53 -17.72
N ARG B 213 9.31 -1.31 -18.73
CA ARG B 213 8.12 -0.89 -19.48
C ARG B 213 6.92 -0.81 -18.54
N PHE B 214 6.10 0.22 -18.69
CA PHE B 214 4.90 0.40 -17.89
C PHE B 214 5.15 0.90 -16.47
N LEU B 215 6.38 1.24 -16.17
CA LEU B 215 6.78 1.99 -14.99
C LEU B 215 7.03 3.45 -15.36
N VAL B 216 7.23 3.71 -16.65
CA VAL B 216 7.52 5.02 -17.21
C VAL B 216 6.62 5.24 -18.41
N PRO B 217 6.35 6.47 -18.81
CA PRO B 217 5.60 6.65 -20.07
C PRO B 217 6.29 5.93 -21.22
N ASP B 218 5.60 5.46 -22.24
CA ASP B 218 6.12 4.83 -23.42
C ASP B 218 7.22 5.63 -24.11
N ALA B 219 6.97 6.93 -24.27
CA ALA B 219 7.93 7.86 -24.84
C ALA B 219 9.27 7.75 -24.13
N VAL B 220 9.21 7.82 -22.81
CA VAL B 220 10.40 7.76 -21.94
C VAL B 220 11.06 6.40 -22.01
N LEU B 221 10.29 5.33 -21.89
CA LEU B 221 10.79 3.98 -22.16
C LEU B 221 11.63 3.96 -23.43
N ASN B 222 11.12 4.49 -24.56
CA ASN B 222 11.88 4.37 -25.80
C ASN B 222 13.12 5.25 -25.85
N TYR B 223 13.08 6.38 -25.14
CA TYR B 223 14.26 7.21 -25.05
C TYR B 223 15.33 6.45 -24.27
N ILE B 224 14.98 5.98 -23.07
CA ILE B 224 15.90 5.16 -22.30
C ILE B 224 16.45 4.00 -23.11
N GLU B 225 15.58 3.33 -23.89
CA GLU B 225 16.08 2.11 -24.57
C GLU B 225 16.99 2.49 -25.72
N ALA B 226 16.63 3.54 -26.47
CA ALA B 226 17.42 3.98 -27.63
C ALA B 226 18.75 4.62 -27.26
N HIS B 227 18.88 5.20 -26.07
CA HIS B 227 20.12 5.90 -25.72
C HIS B 227 20.88 5.06 -24.67
N HIS B 228 20.36 3.90 -24.37
CA HIS B 228 20.78 2.83 -23.48
C HIS B 228 21.10 3.37 -22.10
N LEU B 229 20.16 4.17 -21.61
CA LEU B 229 20.44 4.85 -20.33
C LEU B 229 20.37 3.90 -19.16
N TYR B 230 21.13 4.22 -18.11
CA TYR B 230 21.10 3.49 -16.85
C TYR B 230 21.50 2.03 -16.97
N ARG B 231 22.24 1.74 -18.04
CA ARG B 231 22.78 0.39 -18.25
C ARG B 231 23.82 0.05 -17.21
N ALA B 232 24.15 -1.24 -17.01
CA ALA B 232 25.28 -1.47 -16.09
C ALA B 232 26.60 -1.05 -16.76
N PRO B 233 27.40 -0.29 -16.01
CA PRO B 233 28.70 0.18 -16.49
C PRO B 233 29.76 -0.90 -16.61
N GLY C 22 23.16 -17.74 34.49
CA GLY C 22 23.97 -18.83 33.95
C GLY C 22 24.82 -18.27 32.81
N LYS C 23 24.54 -18.69 31.58
CA LYS C 23 25.22 -18.12 30.43
C LYS C 23 24.49 -16.86 29.98
N ARG C 24 25.19 -15.92 29.36
CA ARG C 24 24.48 -14.80 28.72
C ARG C 24 24.39 -15.10 27.22
N ILE C 25 23.17 -15.14 26.71
CA ILE C 25 22.93 -15.58 25.33
C ILE C 25 22.02 -14.62 24.58
N GLY C 26 22.53 -14.11 23.45
CA GLY C 26 21.75 -13.23 22.63
C GLY C 26 21.15 -13.95 21.42
N LEU C 27 20.06 -13.37 20.97
CA LEU C 27 19.32 -13.76 19.78
C LEU C 27 19.24 -12.54 18.87
N PHE C 28 19.58 -12.65 17.59
CA PHE C 28 19.48 -11.52 16.67
C PHE C 28 18.87 -12.02 15.36
N GLY C 29 17.56 -11.84 15.31
CA GLY C 29 16.73 -12.22 14.18
C GLY C 29 16.89 -11.33 12.98
N GLY C 30 16.57 -11.88 11.80
CA GLY C 30 16.66 -11.01 10.63
C GLY C 30 16.47 -11.84 9.38
N THR C 31 16.24 -11.18 8.24
CA THR C 31 16.08 -12.05 7.04
C THR C 31 17.44 -12.37 6.42
N PHE C 32 18.36 -11.41 6.46
CA PHE C 32 19.74 -11.56 6.02
C PHE C 32 19.76 -11.96 4.54
N ASP C 33 19.37 -11.03 3.69
CA ASP C 33 19.21 -11.42 2.26
C ASP C 33 20.03 -10.51 1.39
N PRO C 34 21.37 -10.52 1.47
CA PRO C 34 22.19 -11.34 2.33
C PRO C 34 22.66 -10.69 3.63
N VAL C 35 23.21 -11.50 4.52
CA VAL C 35 23.87 -10.94 5.70
C VAL C 35 24.95 -9.98 5.23
N HIS C 36 25.12 -8.82 5.89
CA HIS C 36 26.15 -7.91 5.37
C HIS C 36 26.89 -7.26 6.54
N ILE C 37 27.72 -6.30 6.20
CA ILE C 37 28.65 -5.69 7.16
C ILE C 37 27.90 -4.95 8.23
N GLY C 38 26.76 -4.35 7.86
CA GLY C 38 25.95 -3.61 8.84
C GLY C 38 25.43 -4.54 9.90
N HIS C 39 24.80 -5.63 9.46
CA HIS C 39 24.36 -6.64 10.41
C HIS C 39 25.45 -7.19 11.30
N MET C 40 26.59 -7.52 10.69
CA MET C 40 27.62 -8.20 11.51
C MET C 40 28.28 -7.28 12.52
N ARG C 41 28.48 -6.02 12.15
CA ARG C 41 29.06 -5.05 13.09
C ARG C 41 28.13 -4.90 14.30
N SER C 42 26.83 -4.76 14.10
CA SER C 42 25.82 -4.71 15.16
C SER C 42 25.86 -5.91 16.10
N ALA C 43 26.01 -7.10 15.53
CA ALA C 43 26.21 -8.30 16.31
C ALA C 43 27.44 -8.12 17.22
N VAL C 44 28.55 -7.73 16.58
CA VAL C 44 29.82 -7.64 17.30
C VAL C 44 29.69 -6.67 18.47
N GLU C 45 29.03 -5.57 18.20
CA GLU C 45 28.84 -4.50 19.20
C GLU C 45 27.90 -4.96 20.29
N MET C 46 26.82 -5.64 19.93
CA MET C 46 25.93 -6.17 20.96
C MET C 46 26.64 -7.13 21.90
N ALA C 47 27.32 -8.15 21.38
CA ALA C 47 27.97 -9.18 22.15
C ALA C 47 28.99 -8.61 23.15
N GLU C 48 29.69 -7.57 22.66
CA GLU C 48 30.67 -6.92 23.53
C GLU C 48 29.97 -6.27 24.73
N GLN C 49 29.13 -5.34 24.33
CA GLN C 49 28.34 -4.54 25.24
C GLN C 49 27.78 -5.36 26.40
N PHE C 50 26.95 -6.32 25.98
CA PHE C 50 26.23 -7.14 26.94
C PHE C 50 27.09 -8.26 27.48
N ALA C 51 28.39 -8.30 27.21
CA ALA C 51 29.27 -9.40 27.65
C ALA C 51 28.66 -10.77 27.41
N LEU C 52 28.16 -11.00 26.19
CA LEU C 52 27.52 -12.25 25.78
C LEU C 52 28.50 -13.40 25.65
N ASP C 53 28.07 -14.55 26.16
CA ASP C 53 28.79 -15.80 26.00
C ASP C 53 28.60 -16.32 24.58
N GLU C 54 27.37 -16.14 24.10
CA GLU C 54 27.02 -16.56 22.76
C GLU C 54 26.03 -15.58 22.19
N LEU C 55 26.21 -15.21 20.92
CA LEU C 55 25.15 -14.45 20.25
C LEU C 55 24.69 -15.26 19.04
N ARG C 56 23.40 -15.57 18.98
CA ARG C 56 22.86 -16.42 17.92
C ARG C 56 22.17 -15.64 16.82
N LEU C 57 22.77 -15.63 15.62
CA LEU C 57 22.06 -15.02 14.51
C LEU C 57 20.96 -16.01 14.11
N LEU C 58 19.76 -15.47 14.01
CA LEU C 58 18.51 -16.20 13.85
C LEU C 58 17.88 -15.92 12.51
N PRO C 59 18.22 -16.62 11.41
CA PRO C 59 17.56 -16.23 10.16
C PRO C 59 16.07 -16.55 10.19
N ASN C 60 15.25 -15.65 9.65
CA ASN C 60 13.83 -15.92 9.83
C ASN C 60 13.29 -16.65 8.61
N ALA C 61 12.29 -17.48 8.86
CA ALA C 61 11.53 -18.12 7.82
C ALA C 61 10.55 -17.15 7.16
N ARG C 62 10.17 -17.50 5.93
CA ARG C 62 9.18 -16.75 5.19
C ARG C 62 8.71 -17.66 4.05
N PRO C 63 7.59 -17.40 3.42
CA PRO C 63 7.15 -18.33 2.35
C PRO C 63 8.14 -18.35 1.21
N PRO C 64 8.17 -19.46 0.47
CA PRO C 64 9.19 -19.59 -0.56
C PRO C 64 9.06 -18.47 -1.61
N HIS C 65 7.86 -17.92 -1.74
CA HIS C 65 7.54 -16.94 -2.78
C HIS C 65 7.99 -15.52 -2.40
N ARG C 66 8.21 -15.31 -1.11
CA ARG C 66 8.78 -14.04 -0.69
C ARG C 66 10.29 -14.09 -0.64
N GLU C 67 10.90 -15.21 -1.06
CA GLU C 67 12.37 -15.11 -1.06
C GLU C 67 12.83 -14.33 -2.29
N THR C 68 14.08 -13.88 -2.28
CA THR C 68 14.62 -13.33 -3.53
C THR C 68 14.79 -14.43 -4.56
N PRO C 69 14.49 -14.17 -5.84
CA PRO C 69 14.59 -15.28 -6.80
C PRO C 69 15.95 -15.94 -6.85
N GLN C 70 15.96 -17.28 -6.87
CA GLN C 70 17.17 -18.09 -6.99
C GLN C 70 18.12 -17.92 -5.83
N VAL C 71 17.66 -17.29 -4.73
CA VAL C 71 18.35 -17.36 -3.46
C VAL C 71 17.42 -17.86 -2.36
N SER C 72 17.69 -19.07 -1.91
CA SER C 72 16.74 -19.82 -1.09
C SER C 72 17.04 -19.63 0.40
N ALA C 73 16.10 -20.08 1.23
CA ALA C 73 16.32 -20.10 2.67
C ALA C 73 17.65 -20.75 3.01
N ALA C 74 17.96 -21.91 2.41
CA ALA C 74 19.18 -22.58 2.85
C ALA C 74 20.40 -21.81 2.42
N GLN C 75 20.22 -20.99 1.38
CA GLN C 75 21.37 -20.15 0.95
C GLN C 75 21.52 -18.98 1.92
N ARG C 76 20.41 -18.37 2.34
CA ARG C 76 20.50 -17.33 3.38
C ARG C 76 21.23 -17.87 4.59
N LEU C 77 20.86 -19.08 5.05
CA LEU C 77 21.54 -19.66 6.20
C LEU C 77 23.00 -19.99 5.93
N ALA C 78 23.27 -20.38 4.67
CA ALA C 78 24.66 -20.67 4.34
C ALA C 78 25.51 -19.41 4.48
N MET C 79 25.00 -18.32 3.91
CA MET C 79 25.75 -17.06 4.05
C MET C 79 25.93 -16.73 5.51
N VAL C 80 24.88 -16.85 6.34
CA VAL C 80 25.09 -16.51 7.75
C VAL C 80 26.12 -17.40 8.42
N GLU C 81 26.17 -18.69 8.10
CA GLU C 81 27.24 -19.57 8.61
C GLU C 81 28.60 -19.09 8.17
N ARG C 82 28.72 -18.64 6.93
CA ARG C 82 30.01 -18.17 6.45
C ARG C 82 30.44 -16.94 7.26
N ALA C 83 29.48 -16.08 7.62
CA ALA C 83 29.80 -14.84 8.32
C ALA C 83 30.31 -15.03 9.74
N VAL C 84 29.85 -16.09 10.41
CA VAL C 84 30.22 -16.36 11.79
C VAL C 84 31.28 -17.45 11.92
N ALA C 85 31.53 -18.24 10.91
CA ALA C 85 32.63 -19.22 10.93
C ALA C 85 33.93 -18.57 11.40
N GLY C 86 34.54 -19.09 12.45
CA GLY C 86 35.75 -18.57 13.06
C GLY C 86 35.59 -17.36 13.93
N VAL C 87 34.34 -16.92 14.14
CA VAL C 87 34.13 -15.73 14.97
C VAL C 87 33.54 -16.22 16.29
N GLU C 88 34.40 -16.56 17.25
CA GLU C 88 33.94 -17.05 18.54
C GLU C 88 32.85 -16.13 19.10
N ARG C 89 31.97 -16.65 19.94
CA ARG C 89 30.85 -15.90 20.50
C ARG C 89 29.73 -15.80 19.47
N LEU C 90 30.05 -15.70 18.18
CA LEU C 90 28.91 -15.54 17.25
C LEU C 90 28.58 -16.91 16.66
N THR C 91 27.30 -17.27 16.62
CA THR C 91 26.87 -18.51 16.02
C THR C 91 25.56 -18.30 15.25
N VAL C 92 25.05 -19.40 14.69
CA VAL C 92 23.80 -19.34 13.92
C VAL C 92 22.79 -20.25 14.62
N ASP C 93 21.53 -19.84 14.70
CA ASP C 93 20.40 -20.71 15.00
C ASP C 93 19.45 -20.84 13.83
N PRO C 94 19.40 -21.99 13.18
CA PRO C 94 18.50 -22.20 12.05
C PRO C 94 17.11 -22.72 12.42
N ARG C 95 16.70 -22.55 13.68
CA ARG C 95 15.51 -23.34 14.08
C ARG C 95 14.27 -22.82 13.37
N GLU C 96 14.15 -21.53 13.04
CA GLU C 96 12.91 -21.04 12.43
C GLU C 96 12.82 -21.42 10.95
N LEU C 97 13.94 -21.86 10.40
CA LEU C 97 14.02 -22.26 9.00
C LEU C 97 13.52 -23.67 8.74
N GLN C 98 14.03 -24.60 9.54
CA GLN C 98 13.72 -26.02 9.41
C GLN C 98 12.21 -26.23 9.29
N ARG C 99 11.51 -26.01 10.38
CA ARG C 99 10.07 -26.07 10.55
C ARG C 99 9.33 -25.70 9.27
N ASP C 100 8.49 -26.62 8.81
CA ASP C 100 7.79 -26.61 7.54
C ASP C 100 7.31 -25.23 7.11
N LYS C 101 6.45 -24.55 7.86
CA LYS C 101 5.98 -23.22 7.43
C LYS C 101 6.24 -22.15 8.49
N PRO C 102 6.54 -20.95 8.05
CA PRO C 102 6.88 -19.76 8.83
C PRO C 102 6.57 -19.76 10.31
N SER C 103 7.26 -18.85 11.01
CA SER C 103 7.41 -18.79 12.45
C SER C 103 6.90 -17.52 13.13
N TYR C 104 6.44 -17.70 14.35
CA TYR C 104 6.03 -16.71 15.32
C TYR C 104 7.11 -16.56 16.39
N THR C 105 7.60 -15.37 16.67
CA THR C 105 8.73 -15.24 17.61
C THR C 105 8.53 -15.93 18.93
N ILE C 106 7.30 -15.81 19.47
CA ILE C 106 7.08 -16.37 20.79
C ILE C 106 7.35 -17.86 20.82
N ASP C 107 7.04 -18.59 19.73
CA ASP C 107 7.30 -20.03 19.67
C ASP C 107 8.80 -20.31 19.60
N THR C 108 9.45 -19.43 18.84
CA THR C 108 10.90 -19.53 18.78
C THR C 108 11.52 -19.39 20.16
N LEU C 109 11.01 -18.43 20.94
CA LEU C 109 11.47 -18.26 22.31
C LEU C 109 11.16 -19.42 23.25
N GLU C 110 9.95 -20.01 23.20
CA GLU C 110 9.71 -21.14 24.10
C GLU C 110 10.64 -22.30 23.82
N SER C 111 10.98 -22.54 22.56
CA SER C 111 11.88 -23.62 22.18
C SER C 111 13.33 -23.38 22.56
N VAL C 112 13.78 -22.15 22.32
CA VAL C 112 15.11 -21.77 22.80
C VAL C 112 15.15 -21.97 24.30
N ARG C 113 14.10 -21.52 25.00
CA ARG C 113 14.08 -21.65 26.46
C ARG C 113 14.08 -23.09 26.92
N ALA C 114 13.45 -23.98 26.17
CA ALA C 114 13.38 -25.39 26.56
C ALA C 114 14.74 -26.05 26.60
N GLU C 115 15.76 -25.40 26.03
CA GLU C 115 17.11 -25.99 25.99
C GLU C 115 18.08 -25.33 26.95
N LEU C 116 17.68 -24.18 27.49
CA LEU C 116 18.43 -23.25 28.29
C LEU C 116 18.23 -23.40 29.79
N ALA C 117 19.29 -23.54 30.56
CA ALA C 117 19.13 -23.60 32.01
C ALA C 117 18.41 -22.37 32.56
N ALA C 118 17.53 -22.63 33.51
CA ALA C 118 16.68 -21.71 34.23
C ALA C 118 17.30 -20.33 34.42
N ASP C 119 18.53 -20.26 34.92
CA ASP C 119 19.20 -19.02 35.17
C ASP C 119 19.95 -18.50 33.94
N ASP C 120 19.77 -19.11 32.78
CA ASP C 120 20.46 -18.50 31.64
C ASP C 120 19.79 -17.15 31.38
N GLN C 121 20.57 -16.16 31.00
CA GLN C 121 20.05 -14.85 30.63
C GLN C 121 19.92 -14.77 29.10
N LEU C 122 18.73 -14.53 28.57
CA LEU C 122 18.51 -14.51 27.12
C LEU C 122 18.18 -13.08 26.70
N PHE C 123 18.87 -12.53 25.72
CA PHE C 123 18.66 -11.18 25.23
C PHE C 123 18.27 -11.18 23.76
N MET C 124 17.07 -10.71 23.47
CA MET C 124 16.55 -10.62 22.11
C MET C 124 16.73 -9.21 21.56
N LEU C 125 17.50 -9.08 20.47
CA LEU C 125 17.78 -7.75 19.92
C LEU C 125 16.85 -7.43 18.77
N ILE C 126 16.18 -6.30 18.83
CA ILE C 126 15.23 -5.92 17.79
C ILE C 126 15.36 -4.44 17.49
N GLY C 127 15.15 -4.10 16.21
CA GLY C 127 15.15 -2.69 15.86
C GLY C 127 13.91 -1.99 16.39
N TRP C 128 14.10 -0.68 16.49
CA TRP C 128 13.11 0.28 16.93
C TRP C 128 11.78 0.16 16.21
N ASP C 129 11.81 0.30 14.89
CA ASP C 129 10.55 0.21 14.14
C ASP C 129 9.93 -1.16 14.40
N ALA C 130 10.78 -2.19 14.35
CA ALA C 130 10.31 -3.54 14.58
C ALA C 130 9.67 -3.61 15.97
N PHE C 131 10.24 -2.82 16.88
CA PHE C 131 9.74 -2.72 18.24
C PHE C 131 8.35 -2.10 18.32
N CYS C 132 8.11 -0.93 17.74
CA CYS C 132 6.78 -0.33 17.90
C CYS C 132 5.66 -1.22 17.38
N GLY C 133 6.01 -2.05 16.39
CA GLY C 133 5.03 -3.00 15.88
C GLY C 133 4.82 -4.21 16.76
N LEU C 134 5.58 -4.34 17.86
CA LEU C 134 5.46 -5.44 18.82
C LEU C 134 4.02 -5.75 19.22
N PRO C 135 3.14 -4.78 19.49
CA PRO C 135 1.75 -5.13 19.79
C PRO C 135 1.04 -5.89 18.68
N THR C 136 1.60 -6.05 17.50
CA THR C 136 1.02 -6.86 16.44
C THR C 136 1.50 -8.31 16.48
N TRP C 137 2.69 -8.53 17.02
CA TRP C 137 3.23 -9.89 17.13
C TRP C 137 2.34 -10.79 17.97
N HIS C 138 2.40 -12.08 17.68
CA HIS C 138 1.52 -13.09 18.26
C HIS C 138 1.87 -13.37 19.72
N ARG C 139 0.88 -13.11 20.57
CA ARG C 139 1.08 -13.27 22.01
C ARG C 139 2.20 -12.37 22.52
N TRP C 140 2.23 -11.15 22.02
CA TRP C 140 3.29 -10.21 22.31
C TRP C 140 3.52 -9.98 23.80
N GLU C 141 2.48 -10.09 24.63
CA GLU C 141 2.72 -9.84 26.04
C GLU C 141 3.43 -11.00 26.70
N ALA C 142 3.61 -12.10 25.95
CA ALA C 142 4.29 -13.19 26.63
C ALA C 142 5.77 -13.24 26.28
N LEU C 143 6.21 -12.48 25.28
CA LEU C 143 7.62 -12.57 24.90
C LEU C 143 8.58 -12.36 26.04
N LEU C 144 8.28 -11.40 26.93
CA LEU C 144 9.25 -11.09 27.99
C LEU C 144 9.19 -12.10 29.12
N ASP C 145 8.32 -13.11 29.00
CA ASP C 145 8.36 -14.23 29.93
C ASP C 145 9.66 -15.02 29.78
N HIS C 146 10.32 -14.85 28.62
CA HIS C 146 11.41 -15.74 28.24
C HIS C 146 12.76 -15.07 28.05
N CYS C 147 12.75 -13.73 27.99
CA CYS C 147 13.96 -12.98 27.66
C CYS C 147 13.88 -11.53 28.06
N HIS C 148 15.03 -10.85 28.09
CA HIS C 148 14.98 -9.40 27.99
C HIS C 148 14.98 -8.96 26.53
N ILE C 149 14.35 -7.81 26.28
CA ILE C 149 14.29 -7.29 24.90
C ILE C 149 15.23 -6.11 24.86
N VAL C 150 16.15 -6.14 23.92
CA VAL C 150 17.12 -5.07 23.73
C VAL C 150 16.76 -4.33 22.44
N VAL C 151 16.48 -3.03 22.58
CA VAL C 151 16.05 -2.32 21.39
C VAL C 151 17.21 -1.49 20.85
N LEU C 152 17.37 -1.66 19.54
CA LEU C 152 18.46 -1.00 18.81
C LEU C 152 17.89 0.31 18.35
N GLN C 153 18.43 1.39 18.93
CA GLN C 153 18.04 2.72 18.47
C GLN C 153 19.19 3.24 17.61
N ARG C 154 18.84 3.93 16.53
CA ARG C 154 19.89 4.38 15.61
C ARG C 154 19.45 5.67 14.91
N PRO C 155 20.36 6.37 14.26
CA PRO C 155 19.97 7.58 13.52
C PRO C 155 18.89 7.30 12.49
N ASP C 156 18.04 8.29 12.24
CA ASP C 156 17.04 8.15 11.18
C ASP C 156 16.00 7.10 11.58
N ALA C 157 15.96 6.80 12.87
CA ALA C 157 15.02 5.90 13.50
C ALA C 157 14.28 6.63 14.61
N ASP C 158 13.01 6.89 14.39
CA ASP C 158 12.12 7.70 15.21
C ASP C 158 12.35 7.55 16.71
N SER C 159 11.63 8.32 17.51
CA SER C 159 11.71 8.25 18.97
C SER C 159 10.34 8.54 19.58
N GLU C 160 9.30 7.97 18.98
CA GLU C 160 7.92 8.04 19.42
C GLU C 160 7.18 6.74 19.11
N PRO C 161 6.80 6.01 20.14
CA PRO C 161 6.22 4.67 20.01
C PRO C 161 4.71 4.68 20.19
N PRO C 162 4.08 3.55 19.85
CA PRO C 162 2.63 3.42 19.94
C PRO C 162 2.12 3.49 21.38
N GLU C 163 0.97 4.11 21.55
CA GLU C 163 0.31 4.19 22.85
C GLU C 163 0.03 2.81 23.41
N SER C 164 -0.13 1.86 22.49
CA SER C 164 -0.32 0.47 22.85
C SER C 164 0.80 0.00 23.77
N LEU C 165 2.02 0.51 23.58
CA LEU C 165 3.15 0.04 24.37
C LEU C 165 3.36 0.81 25.67
N ARG C 166 2.63 1.90 25.90
CA ARG C 166 2.94 2.78 27.03
C ARG C 166 2.96 2.04 28.36
N ASP C 167 1.98 1.14 28.56
CA ASP C 167 2.04 0.35 29.78
C ASP C 167 3.37 -0.40 29.87
N LEU C 168 3.58 -1.28 28.89
CA LEU C 168 4.71 -2.19 28.80
C LEU C 168 6.05 -1.51 29.09
N LEU C 169 6.21 -0.34 28.51
CA LEU C 169 7.44 0.44 28.71
C LEU C 169 7.52 0.93 30.15
N ALA C 170 6.43 1.53 30.64
CA ALA C 170 6.50 2.06 32.01
C ALA C 170 6.53 0.93 33.01
N ALA C 171 6.18 -0.26 32.54
CA ALA C 171 6.21 -1.45 33.39
C ALA C 171 7.56 -2.15 33.39
N ARG C 172 8.15 -2.23 32.20
CA ARG C 172 9.30 -3.13 32.05
C ARG C 172 10.59 -2.43 31.63
N SER C 173 10.59 -1.16 31.27
CA SER C 173 11.81 -0.51 30.84
C SER C 173 12.85 -0.54 31.97
N VAL C 174 14.11 -0.63 31.60
CA VAL C 174 15.29 -0.42 32.44
C VAL C 174 16.21 0.59 31.77
N ALA C 175 16.54 1.71 32.43
CA ALA C 175 17.21 2.74 31.62
C ALA C 175 18.63 2.30 31.25
N ASP C 176 19.33 1.74 32.22
CA ASP C 176 20.69 1.24 32.09
C ASP C 176 20.76 -0.24 31.74
N PRO C 177 21.19 -0.54 30.52
CA PRO C 177 21.33 -1.92 30.03
C PRO C 177 22.05 -2.87 30.98
N GLN C 178 22.99 -2.36 31.79
CA GLN C 178 23.59 -3.32 32.71
C GLN C 178 22.65 -3.64 33.88
N ALA C 179 21.49 -3.01 33.93
CA ALA C 179 20.43 -3.20 34.93
C ALA C 179 19.42 -4.26 34.55
N LEU C 180 19.49 -4.83 33.35
CA LEU C 180 18.71 -6.05 33.17
C LEU C 180 19.17 -7.11 34.18
N LYS C 181 18.23 -7.69 34.89
CA LYS C 181 18.44 -8.64 35.99
C LYS C 181 17.71 -9.94 35.76
N GLY C 182 18.25 -11.07 36.21
CA GLY C 182 17.53 -12.32 36.02
C GLY C 182 17.47 -12.83 34.59
N PRO C 183 16.74 -13.90 34.33
CA PRO C 183 16.77 -14.55 33.01
C PRO C 183 16.14 -13.71 31.90
N GLY C 184 15.27 -12.78 32.24
CA GLY C 184 14.50 -12.01 31.26
C GLY C 184 13.50 -11.13 32.01
N GLY C 185 12.56 -10.56 31.30
CA GLY C 185 11.45 -9.80 31.87
C GLY C 185 11.52 -8.32 31.62
N GLN C 186 12.68 -7.82 31.20
CA GLN C 186 12.77 -6.38 31.08
C GLN C 186 13.23 -5.90 29.71
N ILE C 187 12.96 -4.62 29.47
CA ILE C 187 13.37 -4.10 28.17
C ILE C 187 14.34 -2.97 28.42
N THR C 188 15.23 -2.75 27.46
CA THR C 188 16.15 -1.61 27.52
C THR C 188 16.53 -1.16 26.12
N PHE C 189 17.05 0.06 25.99
CA PHE C 189 17.27 0.63 24.65
C PHE C 189 18.75 0.94 24.52
N VAL C 190 19.28 0.68 23.34
CA VAL C 190 20.70 0.88 23.12
C VAL C 190 20.88 1.67 21.85
N TRP C 191 21.97 2.43 21.82
CA TRP C 191 22.28 3.26 20.67
C TRP C 191 23.44 2.66 19.87
N GLN C 192 23.35 2.77 18.57
CA GLN C 192 24.39 2.39 17.62
C GLN C 192 24.23 3.23 16.35
N THR C 193 25.33 3.43 15.60
CA THR C 193 25.17 4.08 14.30
C THR C 193 25.70 3.13 13.22
N PRO C 194 24.83 2.18 12.87
CA PRO C 194 25.17 1.17 11.88
C PRO C 194 25.78 1.81 10.62
N LEU C 195 26.49 0.97 9.91
CA LEU C 195 27.14 1.30 8.67
C LEU C 195 26.05 1.53 7.62
N ALA C 196 26.25 2.46 6.71
CA ALA C 196 25.39 2.84 5.61
C ALA C 196 25.36 1.77 4.54
N VAL C 197 24.92 0.59 4.94
CA VAL C 197 24.80 -0.49 3.99
C VAL C 197 23.43 -1.13 4.04
N SER C 198 22.90 -1.59 2.90
CA SER C 198 21.63 -2.32 3.02
C SER C 198 21.61 -3.49 2.06
N ALA C 199 20.89 -4.56 2.43
CA ALA C 199 20.88 -5.69 1.49
C ALA C 199 20.11 -5.29 0.23
N THR C 200 19.11 -4.40 0.29
CA THR C 200 18.48 -3.98 -0.96
C THR C 200 19.48 -3.38 -1.94
N GLN C 201 20.35 -2.51 -1.43
CA GLN C 201 21.38 -1.92 -2.27
C GLN C 201 22.36 -2.98 -2.75
N ILE C 202 22.71 -3.91 -1.86
CA ILE C 202 23.66 -4.98 -2.22
C ILE C 202 23.08 -5.87 -3.31
N ARG C 203 21.78 -6.15 -3.22
CA ARG C 203 21.11 -6.94 -4.28
C ARG C 203 21.08 -6.21 -5.61
N ALA C 204 20.91 -4.88 -5.59
CA ALA C 204 20.87 -4.11 -6.85
C ALA C 204 22.27 -3.98 -7.43
N LEU C 205 23.28 -3.90 -6.55
CA LEU C 205 24.63 -3.85 -7.13
C LEU C 205 24.90 -5.17 -7.84
N LEU C 206 24.56 -6.27 -7.16
CA LEU C 206 24.89 -7.57 -7.78
C LEU C 206 24.11 -7.84 -9.06
N GLY C 207 22.93 -7.27 -9.20
CA GLY C 207 22.14 -7.37 -10.41
C GLY C 207 22.82 -6.65 -11.57
N ALA C 208 23.55 -5.58 -11.26
CA ALA C 208 24.27 -4.77 -12.24
C ALA C 208 25.63 -5.35 -12.55
N GLY C 209 26.02 -6.43 -11.88
CA GLY C 209 27.32 -7.03 -12.15
C GLY C 209 28.46 -6.34 -11.41
N ARG C 210 28.15 -5.44 -10.49
CA ARG C 210 29.13 -4.65 -9.77
C ARG C 210 29.67 -5.46 -8.60
N SER C 211 30.69 -4.91 -7.95
CA SER C 211 31.24 -5.66 -6.82
C SER C 211 30.60 -5.22 -5.52
N VAL C 212 30.33 -6.16 -4.62
CA VAL C 212 29.89 -5.75 -3.28
C VAL C 212 30.93 -6.10 -2.22
N ARG C 213 32.15 -6.35 -2.68
CA ARG C 213 33.28 -6.49 -1.72
C ARG C 213 33.35 -5.29 -0.78
N PHE C 214 33.59 -5.53 0.48
CA PHE C 214 33.69 -4.54 1.55
C PHE C 214 32.32 -4.02 1.98
N LEU C 215 31.24 -4.60 1.46
CA LEU C 215 29.91 -4.36 2.02
C LEU C 215 29.41 -5.62 2.74
N VAL C 216 30.03 -6.75 2.44
CA VAL C 216 29.57 -7.98 3.10
C VAL C 216 30.79 -8.53 3.77
N PRO C 217 30.75 -9.42 4.74
CA PRO C 217 32.03 -9.98 5.19
C PRO C 217 32.70 -10.73 4.07
N ASP C 218 34.01 -10.90 4.21
CA ASP C 218 34.76 -11.52 3.14
C ASP C 218 34.24 -12.91 2.81
N ALA C 219 33.94 -13.70 3.85
CA ALA C 219 33.51 -15.07 3.49
C ALA C 219 32.15 -15.05 2.84
N VAL C 220 31.36 -14.03 3.14
CA VAL C 220 30.05 -13.94 2.46
C VAL C 220 30.25 -13.59 0.99
N LEU C 221 31.10 -12.63 0.70
CA LEU C 221 31.49 -12.27 -0.66
C LEU C 221 31.91 -13.49 -1.45
N ASN C 222 32.81 -14.33 -0.89
CA ASN C 222 33.21 -15.48 -1.71
C ASN C 222 32.07 -16.44 -2.00
N TYR C 223 31.19 -16.68 -1.02
CA TYR C 223 30.04 -17.55 -1.24
C TYR C 223 29.13 -17.02 -2.34
N ILE C 224 28.71 -15.76 -2.20
CA ILE C 224 27.93 -15.12 -3.25
C ILE C 224 28.58 -15.25 -4.62
N GLU C 225 29.90 -15.05 -4.63
CA GLU C 225 30.52 -15.06 -5.98
C GLU C 225 30.60 -16.48 -6.48
N ALA C 226 30.97 -17.40 -5.58
CA ALA C 226 31.13 -18.79 -6.03
C ALA C 226 29.83 -19.46 -6.44
N HIS C 227 28.67 -19.04 -5.91
CA HIS C 227 27.38 -19.62 -6.22
C HIS C 227 26.57 -18.72 -7.18
N HIS C 228 27.15 -17.63 -7.62
CA HIS C 228 26.56 -16.62 -8.48
C HIS C 228 25.14 -16.31 -8.03
N LEU C 229 25.08 -15.89 -6.75
CA LEU C 229 23.82 -15.46 -6.17
C LEU C 229 23.49 -14.04 -6.57
N TYR C 230 22.19 -13.72 -6.63
CA TYR C 230 21.76 -12.35 -6.91
C TYR C 230 22.15 -11.78 -8.25
N ARG C 231 22.51 -12.64 -9.20
CA ARG C 231 22.89 -12.18 -10.54
C ARG C 231 21.68 -11.85 -11.38
N ALA C 232 21.87 -11.31 -12.59
CA ALA C 232 20.68 -11.04 -13.42
C ALA C 232 20.13 -12.33 -14.02
N PRO C 233 18.81 -12.50 -13.95
CA PRO C 233 18.10 -13.60 -14.61
C PRO C 233 18.04 -13.46 -16.13
N GLY D 22 11.93 -27.11 -27.30
CA GLY D 22 10.60 -26.55 -27.12
C GLY D 22 10.64 -25.19 -26.45
N LYS D 23 9.56 -24.47 -26.60
CA LYS D 23 9.13 -23.15 -26.21
C LYS D 23 8.59 -23.13 -24.78
N ARG D 24 8.67 -21.94 -24.19
CA ARG D 24 8.11 -21.61 -22.88
C ARG D 24 7.13 -20.44 -23.08
N ILE D 25 5.89 -20.77 -22.77
CA ILE D 25 4.73 -19.94 -23.09
C ILE D 25 3.74 -19.77 -21.95
N GLY D 26 3.41 -18.51 -21.68
CA GLY D 26 2.46 -18.20 -20.65
C GLY D 26 1.09 -17.88 -21.20
N LEU D 27 0.09 -18.16 -20.38
CA LEU D 27 -1.27 -17.74 -20.68
C LEU D 27 -1.70 -16.83 -19.54
N PHE D 28 -2.15 -15.62 -19.87
CA PHE D 28 -2.66 -14.69 -18.86
C PHE D 28 -4.10 -14.32 -19.25
N GLY D 29 -5.04 -15.01 -18.63
CA GLY D 29 -6.46 -14.73 -18.85
C GLY D 29 -6.86 -13.51 -18.03
N GLY D 30 -7.77 -12.69 -18.50
CA GLY D 30 -8.34 -11.55 -17.78
C GLY D 30 -9.61 -11.12 -18.50
N THR D 31 -10.44 -10.33 -17.81
CA THR D 31 -11.54 -9.63 -18.44
C THR D 31 -11.05 -8.39 -19.21
N PHE D 32 -10.08 -7.69 -18.66
CA PHE D 32 -9.44 -6.53 -19.30
C PHE D 32 -10.41 -5.45 -19.78
N ASP D 33 -11.05 -4.76 -18.85
CA ASP D 33 -12.15 -3.84 -19.19
C ASP D 33 -11.95 -2.49 -18.56
N PRO D 34 -10.91 -1.74 -18.94
CA PRO D 34 -9.91 -2.15 -19.89
C PRO D 34 -8.61 -2.72 -19.32
N VAL D 35 -7.80 -3.28 -20.22
CA VAL D 35 -6.41 -3.58 -19.90
C VAL D 35 -5.77 -2.31 -19.36
N HIS D 36 -5.01 -2.46 -18.25
CA HIS D 36 -4.41 -1.29 -17.63
C HIS D 36 -2.94 -1.55 -17.25
N ILE D 37 -2.28 -0.61 -16.57
CA ILE D 37 -0.83 -0.78 -16.44
C ILE D 37 -0.54 -1.77 -15.32
N GLY D 38 -1.53 -2.08 -14.50
CA GLY D 38 -1.45 -3.15 -13.51
C GLY D 38 -1.25 -4.50 -14.20
N HIS D 39 -2.15 -4.82 -15.14
CA HIS D 39 -2.06 -6.07 -15.90
C HIS D 39 -0.78 -6.16 -16.71
N MET D 40 -0.40 -4.98 -17.27
CA MET D 40 0.68 -5.13 -18.26
C MET D 40 2.02 -5.32 -17.55
N ARG D 41 2.17 -4.63 -16.41
CA ARG D 41 3.39 -4.78 -15.62
C ARG D 41 3.49 -6.21 -15.09
N SER D 42 2.35 -6.74 -14.63
CA SER D 42 2.28 -8.15 -14.27
C SER D 42 2.75 -9.06 -15.38
N ALA D 43 2.21 -8.89 -16.58
CA ALA D 43 2.67 -9.72 -17.68
C ALA D 43 4.15 -9.48 -17.98
N VAL D 44 4.66 -8.27 -17.76
CA VAL D 44 6.08 -8.10 -18.15
C VAL D 44 6.96 -8.84 -17.14
N GLU D 45 6.66 -8.62 -15.86
CA GLU D 45 7.40 -9.35 -14.83
C GLU D 45 7.27 -10.85 -14.97
N MET D 46 6.08 -11.39 -15.24
CA MET D 46 6.00 -12.84 -15.44
C MET D 46 6.81 -13.34 -16.62
N ALA D 47 6.86 -12.68 -17.78
CA ALA D 47 7.64 -13.21 -18.89
C ALA D 47 9.12 -13.27 -18.52
N GLU D 48 9.54 -12.19 -17.87
CA GLU D 48 10.93 -12.08 -17.46
C GLU D 48 11.33 -13.25 -16.58
N GLN D 49 10.61 -13.31 -15.47
CA GLN D 49 10.79 -14.32 -14.46
C GLN D 49 10.92 -15.72 -15.06
N PHE D 50 9.94 -16.06 -15.89
CA PHE D 50 9.82 -17.42 -16.40
C PHE D 50 10.58 -17.64 -17.69
N ALA D 51 11.29 -16.62 -18.19
CA ALA D 51 12.06 -16.75 -19.43
C ALA D 51 11.19 -17.26 -20.55
N LEU D 52 10.01 -16.61 -20.64
CA LEU D 52 9.01 -17.05 -21.57
C LEU D 52 9.40 -16.64 -22.98
N ASP D 53 9.30 -17.59 -23.90
CA ASP D 53 9.44 -17.13 -25.28
C ASP D 53 8.21 -16.30 -25.66
N GLU D 54 7.11 -16.52 -24.95
CA GLU D 54 5.89 -15.87 -25.43
C GLU D 54 4.87 -15.78 -24.30
N LEU D 55 4.31 -14.60 -24.01
CA LEU D 55 3.23 -14.55 -23.04
C LEU D 55 1.95 -14.09 -23.75
N ARG D 56 0.92 -14.93 -23.76
CA ARG D 56 -0.32 -14.57 -24.44
C ARG D 56 -1.41 -14.14 -23.49
N LEU D 57 -1.79 -12.86 -23.62
CA LEU D 57 -2.91 -12.34 -22.88
C LEU D 57 -4.20 -12.91 -23.47
N LEU D 58 -5.05 -13.46 -22.63
CA LEU D 58 -6.21 -14.22 -23.11
C LEU D 58 -7.50 -13.61 -22.59
N PRO D 59 -8.12 -12.68 -23.31
CA PRO D 59 -9.31 -12.00 -22.78
C PRO D 59 -10.48 -12.97 -22.64
N ASN D 60 -11.17 -12.82 -21.50
CA ASN D 60 -12.23 -13.76 -21.13
C ASN D 60 -13.52 -13.48 -21.89
N ALA D 61 -14.22 -14.54 -22.30
CA ALA D 61 -15.55 -14.38 -22.88
C ALA D 61 -16.56 -14.31 -21.74
N ARG D 62 -17.60 -13.51 -21.94
CA ARG D 62 -18.70 -13.43 -21.00
C ARG D 62 -19.91 -13.13 -21.88
N PRO D 63 -21.12 -13.31 -21.35
CA PRO D 63 -22.27 -12.96 -22.20
C PRO D 63 -22.27 -11.48 -22.54
N PRO D 64 -22.93 -11.14 -23.65
CA PRO D 64 -23.05 -9.75 -24.03
C PRO D 64 -23.65 -8.89 -22.92
N HIS D 65 -24.68 -9.35 -22.18
CA HIS D 65 -25.24 -8.39 -21.23
C HIS D 65 -24.33 -8.18 -20.02
N ARG D 66 -23.25 -8.95 -19.96
CA ARG D 66 -22.25 -8.76 -18.91
C ARG D 66 -21.14 -7.83 -19.33
N GLU D 67 -21.11 -7.33 -20.57
CA GLU D 67 -20.07 -6.38 -20.94
C GLU D 67 -20.36 -4.99 -20.35
N THR D 68 -19.35 -4.10 -20.32
CA THR D 68 -19.60 -2.70 -20.04
C THR D 68 -20.41 -2.10 -21.20
N PRO D 69 -21.47 -1.39 -20.85
CA PRO D 69 -22.31 -0.73 -21.85
C PRO D 69 -21.45 0.04 -22.85
N GLN D 70 -21.72 -0.24 -24.13
CA GLN D 70 -21.01 0.38 -25.24
C GLN D 70 -19.53 0.05 -25.29
N VAL D 71 -19.08 -1.00 -24.59
CA VAL D 71 -17.74 -1.55 -24.74
C VAL D 71 -17.84 -3.08 -24.92
N SER D 72 -17.71 -3.45 -26.16
CA SER D 72 -17.86 -4.77 -26.76
C SER D 72 -16.68 -5.70 -26.51
N ALA D 73 -16.87 -7.01 -26.58
CA ALA D 73 -15.72 -7.90 -26.46
C ALA D 73 -14.66 -7.55 -27.49
N ALA D 74 -15.05 -7.24 -28.72
CA ALA D 74 -14.14 -6.89 -29.79
C ALA D 74 -13.22 -5.75 -29.38
N GLN D 75 -13.83 -4.80 -28.67
CA GLN D 75 -13.18 -3.58 -28.24
C GLN D 75 -12.30 -3.93 -27.02
N ARG D 76 -12.72 -4.89 -26.20
CA ARG D 76 -11.79 -5.36 -25.16
C ARG D 76 -10.57 -6.00 -25.79
N LEU D 77 -10.81 -6.81 -26.83
CA LEU D 77 -9.72 -7.41 -27.60
C LEU D 77 -8.91 -6.40 -28.38
N ALA D 78 -9.53 -5.39 -28.97
CA ALA D 78 -8.78 -4.32 -29.64
C ALA D 78 -7.82 -3.62 -28.69
N MET D 79 -8.20 -3.38 -27.44
CA MET D 79 -7.34 -2.66 -26.49
C MET D 79 -6.14 -3.53 -26.11
N VAL D 80 -6.37 -4.84 -26.01
CA VAL D 80 -5.25 -5.66 -25.58
C VAL D 80 -4.21 -5.80 -26.69
N GLU D 81 -4.72 -5.78 -27.93
CA GLU D 81 -3.88 -5.78 -29.11
C GLU D 81 -3.04 -4.50 -29.14
N ARG D 82 -3.67 -3.36 -28.81
CA ARG D 82 -2.93 -2.12 -28.81
C ARG D 82 -1.84 -2.16 -27.72
N ALA D 83 -2.18 -2.80 -26.61
CA ALA D 83 -1.27 -2.86 -25.47
C ALA D 83 0.01 -3.64 -25.75
N VAL D 84 -0.07 -4.67 -26.58
CA VAL D 84 1.05 -5.59 -26.80
C VAL D 84 1.76 -5.27 -28.10
N ALA D 85 1.20 -4.37 -28.91
CA ALA D 85 1.88 -4.01 -30.16
C ALA D 85 3.29 -3.52 -29.90
N GLY D 86 4.26 -4.06 -30.65
CA GLY D 86 5.65 -3.64 -30.52
C GLY D 86 6.29 -4.02 -29.21
N VAL D 87 5.60 -4.93 -28.53
CA VAL D 87 6.20 -5.54 -27.33
C VAL D 87 6.46 -6.98 -27.71
N GLU D 88 7.71 -7.27 -28.09
CA GLU D 88 8.01 -8.65 -28.49
C GLU D 88 7.69 -9.57 -27.31
N ARG D 89 7.37 -10.83 -27.60
CA ARG D 89 7.15 -11.81 -26.55
C ARG D 89 5.79 -11.64 -25.89
N LEU D 90 5.12 -10.49 -26.06
CA LEU D 90 3.78 -10.38 -25.48
C LEU D 90 2.80 -10.37 -26.66
N THR D 91 1.80 -11.23 -26.58
CA THR D 91 0.86 -11.43 -27.67
C THR D 91 -0.55 -11.54 -27.11
N VAL D 92 -1.56 -11.62 -28.00
CA VAL D 92 -2.88 -11.85 -27.39
C VAL D 92 -3.43 -13.14 -27.98
N ASP D 93 -4.21 -13.87 -27.18
CA ASP D 93 -4.91 -15.05 -27.72
C ASP D 93 -6.39 -14.77 -27.79
N PRO D 94 -6.98 -14.51 -28.97
CA PRO D 94 -8.42 -14.27 -29.04
C PRO D 94 -9.34 -15.48 -29.01
N ARG D 95 -8.87 -16.69 -28.77
CA ARG D 95 -9.69 -17.84 -29.14
C ARG D 95 -10.90 -18.02 -28.24
N GLU D 96 -10.91 -17.50 -27.00
CA GLU D 96 -12.14 -17.66 -26.22
C GLU D 96 -13.23 -16.77 -26.77
N LEU D 97 -12.86 -15.68 -27.47
CA LEU D 97 -13.89 -14.78 -27.99
C LEU D 97 -14.51 -15.33 -29.27
N GLN D 98 -13.69 -16.06 -30.02
CA GLN D 98 -14.00 -16.62 -31.33
C GLN D 98 -14.99 -17.77 -31.20
N ARG D 99 -15.19 -18.17 -29.95
CA ARG D 99 -16.20 -19.14 -29.60
C ARG D 99 -17.46 -18.40 -29.17
N ASP D 100 -18.57 -19.10 -29.24
CA ASP D 100 -19.89 -18.64 -28.83
C ASP D 100 -19.91 -18.26 -27.35
N LYS D 101 -21.00 -18.53 -26.66
CA LYS D 101 -21.08 -18.25 -25.23
C LYS D 101 -19.85 -18.83 -24.52
N PRO D 102 -19.49 -18.26 -23.40
CA PRO D 102 -18.29 -18.56 -22.62
C PRO D 102 -17.61 -19.90 -22.86
N SER D 103 -16.28 -19.84 -22.69
CA SER D 103 -15.42 -21.01 -22.71
C SER D 103 -15.11 -21.51 -21.32
N TYR D 104 -14.93 -22.83 -21.18
CA TYR D 104 -14.40 -23.27 -19.88
C TYR D 104 -12.89 -23.35 -20.05
N THR D 105 -12.15 -22.90 -19.03
CA THR D 105 -10.69 -22.87 -19.18
C THR D 105 -10.13 -24.24 -19.52
N ILE D 106 -10.75 -25.34 -19.05
CA ILE D 106 -10.11 -26.60 -19.50
C ILE D 106 -10.24 -26.76 -21.02
N ASP D 107 -11.33 -26.24 -21.61
CA ASP D 107 -11.46 -26.32 -23.07
C ASP D 107 -10.43 -25.43 -23.72
N THR D 108 -10.27 -24.26 -23.08
CA THR D 108 -9.25 -23.32 -23.53
C THR D 108 -7.90 -24.03 -23.53
N LEU D 109 -7.49 -24.73 -22.46
CA LEU D 109 -6.17 -25.34 -22.53
C LEU D 109 -6.08 -26.51 -23.51
N GLU D 110 -7.16 -27.28 -23.65
CA GLU D 110 -7.11 -28.45 -24.53
C GLU D 110 -6.81 -27.99 -25.96
N SER D 111 -7.34 -26.81 -26.30
CA SER D 111 -7.15 -26.31 -27.65
C SER D 111 -5.81 -25.65 -27.91
N VAL D 112 -5.35 -24.92 -26.92
CA VAL D 112 -3.96 -24.46 -26.94
C VAL D 112 -2.99 -25.59 -27.21
N ARG D 113 -3.07 -26.64 -26.40
CA ARG D 113 -2.16 -27.79 -26.41
C ARG D 113 -2.05 -28.42 -27.79
N ALA D 114 -3.21 -28.64 -28.41
CA ALA D 114 -3.31 -29.22 -29.75
C ALA D 114 -2.31 -28.60 -30.72
N GLU D 115 -2.11 -27.31 -30.56
CA GLU D 115 -1.23 -26.49 -31.37
C GLU D 115 0.22 -26.57 -30.95
N LEU D 116 0.55 -27.01 -29.73
CA LEU D 116 1.94 -26.91 -29.34
C LEU D 116 2.72 -28.20 -29.51
N ALA D 117 4.04 -28.06 -29.48
CA ALA D 117 4.88 -29.26 -29.36
C ALA D 117 4.52 -29.90 -28.03
N ALA D 118 4.43 -31.23 -27.99
CA ALA D 118 4.16 -31.90 -26.73
C ALA D 118 5.17 -31.48 -25.66
N ASP D 119 6.39 -31.13 -26.04
CA ASP D 119 7.43 -30.75 -25.10
C ASP D 119 7.47 -29.25 -24.86
N ASP D 120 6.52 -28.50 -25.42
CA ASP D 120 6.53 -27.08 -25.07
C ASP D 120 6.01 -26.97 -23.65
N GLN D 121 6.51 -25.99 -22.91
CA GLN D 121 5.98 -25.87 -21.57
C GLN D 121 4.95 -24.76 -21.47
N LEU D 122 3.82 -24.98 -20.83
CA LEU D 122 2.71 -24.04 -20.75
C LEU D 122 2.53 -23.61 -19.29
N PHE D 123 2.54 -22.32 -19.06
CA PHE D 123 2.35 -21.72 -17.76
C PHE D 123 1.08 -20.86 -17.79
N MET D 124 0.20 -21.19 -16.85
CA MET D 124 -1.05 -20.45 -16.80
C MET D 124 -1.10 -19.59 -15.54
N LEU D 125 -1.12 -18.28 -15.74
CA LEU D 125 -1.11 -17.33 -14.64
C LEU D 125 -2.50 -17.02 -14.09
N ILE D 126 -2.68 -17.30 -12.83
CA ILE D 126 -3.89 -17.09 -12.04
C ILE D 126 -3.56 -16.29 -10.79
N GLY D 127 -4.44 -15.35 -10.40
CA GLY D 127 -4.20 -14.61 -9.16
C GLY D 127 -4.63 -15.47 -7.99
N TRP D 128 -4.11 -15.26 -6.80
CA TRP D 128 -4.45 -16.12 -5.66
C TRP D 128 -5.95 -16.31 -5.46
N ASP D 129 -6.76 -15.25 -5.43
CA ASP D 129 -8.20 -15.43 -5.20
C ASP D 129 -8.85 -16.32 -6.23
N ALA D 130 -8.51 -16.16 -7.51
CA ALA D 130 -9.16 -17.08 -8.46
C ALA D 130 -8.79 -18.52 -8.19
N PHE D 131 -7.50 -18.83 -8.05
CA PHE D 131 -7.04 -20.19 -7.74
C PHE D 131 -7.79 -20.79 -6.56
N CYS D 132 -8.16 -19.93 -5.61
CA CYS D 132 -8.81 -20.41 -4.40
C CYS D 132 -10.14 -21.04 -4.75
N GLY D 133 -10.70 -20.63 -5.90
CA GLY D 133 -11.95 -21.25 -6.34
C GLY D 133 -11.77 -22.27 -7.44
N LEU D 134 -10.53 -22.71 -7.73
CA LEU D 134 -10.26 -23.75 -8.69
C LEU D 134 -11.20 -24.95 -8.63
N PRO D 135 -11.50 -25.55 -7.49
CA PRO D 135 -12.36 -26.74 -7.42
C PRO D 135 -13.78 -26.55 -7.95
N THR D 136 -14.15 -25.31 -8.21
CA THR D 136 -15.41 -24.96 -8.85
C THR D 136 -15.32 -24.96 -10.36
N TRP D 137 -14.17 -24.61 -10.96
CA TRP D 137 -14.07 -24.64 -12.41
C TRP D 137 -14.39 -26.05 -12.93
N HIS D 138 -14.72 -26.11 -14.20
CA HIS D 138 -15.19 -27.28 -14.92
C HIS D 138 -14.04 -28.25 -15.19
N ARG D 139 -14.17 -29.42 -14.55
CA ARG D 139 -13.18 -30.49 -14.70
C ARG D 139 -11.82 -30.00 -14.19
N TRP D 140 -11.94 -29.31 -13.07
CA TRP D 140 -10.80 -28.64 -12.45
C TRP D 140 -9.60 -29.56 -12.36
N GLU D 141 -9.80 -30.86 -12.08
CA GLU D 141 -8.60 -31.67 -11.79
C GLU D 141 -7.84 -32.03 -13.04
N ALA D 142 -8.37 -31.60 -14.18
CA ALA D 142 -7.82 -31.85 -15.48
C ALA D 142 -6.80 -30.81 -15.91
N LEU D 143 -6.84 -29.63 -15.31
CA LEU D 143 -6.04 -28.53 -15.90
C LEU D 143 -4.56 -28.82 -15.92
N LEU D 144 -4.03 -29.43 -14.86
CA LEU D 144 -2.56 -29.57 -14.86
C LEU D 144 -2.09 -30.62 -15.85
N ASP D 145 -2.97 -31.37 -16.54
CA ASP D 145 -2.56 -32.24 -17.62
C ASP D 145 -1.88 -31.49 -18.76
N HIS D 146 -2.23 -30.20 -18.84
CA HIS D 146 -1.84 -29.43 -20.01
C HIS D 146 -0.83 -28.34 -19.72
N CYS D 147 -0.70 -27.96 -18.46
CA CYS D 147 0.14 -26.85 -18.07
C CYS D 147 0.57 -26.93 -16.61
N HIS D 148 1.46 -25.99 -16.29
CA HIS D 148 1.71 -25.57 -14.93
C HIS D 148 0.76 -24.43 -14.58
N ILE D 149 0.38 -24.37 -13.30
CA ILE D 149 -0.38 -23.21 -12.82
C ILE D 149 0.59 -22.35 -12.02
N VAL D 150 0.70 -21.07 -12.35
CA VAL D 150 1.52 -20.12 -11.60
C VAL D 150 0.57 -19.18 -10.87
N VAL D 151 0.48 -19.29 -9.56
CA VAL D 151 -0.53 -18.57 -8.80
C VAL D 151 0.05 -17.31 -8.18
N LEU D 152 -0.49 -16.16 -8.53
CA LEU D 152 0.20 -14.93 -8.06
C LEU D 152 -0.36 -14.54 -6.70
N GLN D 153 0.59 -14.35 -5.77
CA GLN D 153 0.27 -13.74 -4.48
C GLN D 153 0.71 -12.27 -4.58
N ARG D 154 0.01 -11.43 -3.84
CA ARG D 154 0.24 -9.98 -3.81
C ARG D 154 -0.28 -9.45 -2.49
N PRO D 155 0.00 -8.21 -2.07
CA PRO D 155 -0.47 -7.70 -0.78
C PRO D 155 -1.91 -7.87 -0.37
N ASP D 156 -2.92 -8.29 -1.14
CA ASP D 156 -4.26 -8.06 -0.55
C ASP D 156 -5.16 -9.25 -0.31
N ALA D 157 -5.09 -10.37 -1.04
CA ALA D 157 -6.06 -11.43 -0.82
C ALA D 157 -5.97 -12.00 0.59
N ASP D 158 -5.17 -13.06 0.73
CA ASP D 158 -4.82 -13.77 1.94
C ASP D 158 -3.99 -15.02 1.62
N SER D 159 -3.61 -15.80 2.62
CA SER D 159 -2.80 -16.99 2.48
C SER D 159 -3.52 -18.24 2.96
N GLU D 160 -4.85 -18.20 3.09
CA GLU D 160 -5.54 -19.40 3.57
C GLU D 160 -6.52 -19.94 2.52
N PRO D 161 -6.37 -21.24 2.31
CA PRO D 161 -7.01 -21.99 1.24
C PRO D 161 -8.23 -22.78 1.69
N PRO D 162 -8.87 -23.47 0.75
CA PRO D 162 -9.90 -24.45 1.08
C PRO D 162 -9.30 -25.86 1.21
N GLU D 163 -9.87 -26.64 2.10
CA GLU D 163 -9.61 -28.06 2.26
C GLU D 163 -9.40 -28.73 0.90
N SER D 164 -10.32 -28.40 0.01
CA SER D 164 -10.52 -28.80 -1.35
C SER D 164 -9.28 -28.61 -2.20
N LEU D 165 -8.38 -27.73 -1.73
CA LEU D 165 -7.12 -27.56 -2.44
C LEU D 165 -5.94 -28.07 -1.63
N ARG D 166 -6.13 -28.45 -0.36
CA ARG D 166 -4.99 -28.83 0.45
C ARG D 166 -4.24 -30.03 -0.13
N ASP D 167 -4.96 -30.92 -0.83
CA ASP D 167 -4.24 -32.09 -1.30
C ASP D 167 -3.63 -31.92 -2.69
N LEU D 168 -4.37 -31.24 -3.57
CA LEU D 168 -3.79 -30.83 -4.84
C LEU D 168 -2.48 -30.12 -4.55
N LEU D 169 -2.49 -29.27 -3.51
CA LEU D 169 -1.29 -28.50 -3.20
C LEU D 169 -0.21 -29.44 -2.68
N ALA D 170 -0.58 -30.28 -1.72
CA ALA D 170 0.35 -31.29 -1.23
C ALA D 170 0.97 -32.12 -2.34
N ALA D 171 0.20 -32.47 -3.35
CA ALA D 171 0.64 -33.34 -4.42
C ALA D 171 1.41 -32.66 -5.55
N ARG D 172 0.96 -31.46 -5.90
CA ARG D 172 1.39 -30.92 -7.18
C ARG D 172 2.22 -29.66 -7.08
N SER D 173 2.33 -29.06 -5.89
CA SER D 173 3.14 -27.84 -5.92
C SER D 173 4.64 -28.11 -5.82
N VAL D 174 5.37 -27.08 -6.23
CA VAL D 174 6.80 -26.88 -6.11
C VAL D 174 7.08 -25.47 -5.58
N ALA D 175 7.97 -25.38 -4.61
CA ALA D 175 8.19 -24.09 -3.93
C ALA D 175 8.95 -23.10 -4.81
N ASP D 176 9.75 -23.58 -5.74
CA ASP D 176 10.54 -22.84 -6.69
C ASP D 176 9.93 -22.80 -8.08
N PRO D 177 9.80 -21.61 -8.68
CA PRO D 177 9.35 -21.54 -10.07
C PRO D 177 10.36 -22.18 -11.02
N GLN D 178 11.65 -22.07 -10.68
CA GLN D 178 12.65 -22.73 -11.52
C GLN D 178 12.49 -24.24 -11.46
N ALA D 179 11.84 -24.71 -10.41
CA ALA D 179 11.58 -26.10 -10.11
C ALA D 179 10.53 -26.68 -11.03
N LEU D 180 9.97 -25.80 -11.90
CA LEU D 180 8.90 -26.38 -12.69
C LEU D 180 9.51 -27.28 -13.73
N LYS D 181 9.10 -28.55 -13.80
CA LYS D 181 9.77 -29.41 -14.78
C LYS D 181 8.81 -30.01 -15.79
N GLY D 182 9.19 -30.11 -17.06
CA GLY D 182 8.36 -30.73 -18.05
C GLY D 182 7.35 -29.80 -18.70
N PRO D 183 6.50 -30.35 -19.57
CA PRO D 183 5.55 -29.52 -20.32
C PRO D 183 4.45 -28.94 -19.44
N GLY D 184 4.17 -29.59 -18.31
CA GLY D 184 3.09 -29.18 -17.43
C GLY D 184 3.07 -30.08 -16.20
N GLY D 185 2.09 -29.91 -15.34
CA GLY D 185 1.83 -30.74 -14.21
C GLY D 185 1.95 -30.18 -12.83
N GLN D 186 2.61 -29.04 -12.60
CA GLN D 186 2.85 -28.62 -11.24
C GLN D 186 2.28 -27.21 -10.98
N ILE D 187 2.27 -26.87 -9.71
CA ILE D 187 1.77 -25.57 -9.31
C ILE D 187 2.83 -24.81 -8.53
N THR D 188 3.01 -23.53 -8.86
CA THR D 188 3.93 -22.75 -8.02
C THR D 188 3.30 -21.39 -7.69
N PHE D 189 4.01 -20.65 -6.86
CA PHE D 189 3.50 -19.37 -6.35
C PHE D 189 4.55 -18.30 -6.60
N VAL D 190 4.13 -17.15 -7.08
CA VAL D 190 5.07 -16.07 -7.38
C VAL D 190 4.54 -14.77 -6.78
N TRP D 191 5.45 -13.93 -6.30
CA TRP D 191 5.20 -12.66 -5.66
C TRP D 191 5.39 -11.47 -6.58
N GLN D 192 4.47 -10.52 -6.57
CA GLN D 192 4.76 -9.21 -7.15
C GLN D 192 4.00 -8.14 -6.37
N THR D 193 4.41 -6.88 -6.59
CA THR D 193 3.70 -5.80 -5.87
C THR D 193 2.94 -4.96 -6.89
N PRO D 194 1.82 -5.47 -7.37
CA PRO D 194 1.16 -4.81 -8.51
C PRO D 194 0.80 -3.37 -8.18
N LEU D 195 0.98 -2.54 -9.21
CA LEU D 195 0.56 -1.16 -9.09
C LEU D 195 -0.94 -1.15 -8.72
N ALA D 196 -1.28 -0.19 -7.88
CA ALA D 196 -2.62 -0.09 -7.32
C ALA D 196 -3.56 0.56 -8.34
N VAL D 197 -3.76 -0.19 -9.42
CA VAL D 197 -4.66 0.29 -10.47
C VAL D 197 -5.81 -0.70 -10.62
N SER D 198 -7.03 -0.23 -10.86
CA SER D 198 -8.15 -1.15 -11.08
C SER D 198 -8.97 -0.70 -12.28
N ALA D 199 -9.55 -1.67 -12.99
CA ALA D 199 -10.38 -1.29 -14.14
C ALA D 199 -11.63 -0.58 -13.64
N THR D 200 -12.13 -0.94 -12.46
CA THR D 200 -13.30 -0.25 -11.91
C THR D 200 -13.02 1.24 -11.76
N GLN D 201 -11.93 1.60 -11.10
CA GLN D 201 -11.48 2.98 -10.88
C GLN D 201 -11.27 3.68 -12.21
N ILE D 202 -10.81 2.98 -13.26
CA ILE D 202 -10.58 3.67 -14.55
C ILE D 202 -11.91 3.96 -15.22
N ARG D 203 -12.82 2.97 -15.17
CA ARG D 203 -14.15 3.19 -15.73
C ARG D 203 -14.83 4.38 -15.08
N ALA D 204 -14.76 4.49 -13.74
CA ALA D 204 -15.40 5.64 -13.10
C ALA D 204 -14.74 6.94 -13.52
N LEU D 205 -13.41 6.95 -13.63
CA LEU D 205 -12.79 8.22 -13.96
C LEU D 205 -13.22 8.66 -15.37
N LEU D 206 -13.33 7.66 -16.25
CA LEU D 206 -13.69 7.91 -17.64
C LEU D 206 -15.13 8.41 -17.75
N GLY D 207 -16.04 7.78 -17.04
CA GLY D 207 -17.43 8.18 -16.94
C GLY D 207 -17.62 9.60 -16.45
N ALA D 208 -16.64 10.10 -15.68
CA ALA D 208 -16.55 11.46 -15.18
C ALA D 208 -15.79 12.44 -16.04
N GLY D 209 -15.31 12.07 -17.22
CA GLY D 209 -14.58 12.96 -18.11
C GLY D 209 -13.17 13.27 -17.63
N ARG D 210 -12.59 12.35 -16.85
CA ARG D 210 -11.26 12.64 -16.32
C ARG D 210 -10.23 11.87 -17.14
N SER D 211 -8.96 12.24 -16.98
CA SER D 211 -7.98 11.53 -17.81
C SER D 211 -7.47 10.29 -17.10
N VAL D 212 -7.24 9.19 -17.82
CA VAL D 212 -6.66 7.96 -17.29
C VAL D 212 -5.25 7.77 -17.88
N ARG D 213 -4.76 8.86 -18.48
CA ARG D 213 -3.37 8.86 -18.94
C ARG D 213 -2.44 8.40 -17.81
N PHE D 214 -1.48 7.56 -18.15
CA PHE D 214 -0.52 6.96 -17.23
C PHE D 214 -1.17 5.97 -16.27
N LEU D 215 -2.41 5.55 -16.52
CA LEU D 215 -3.00 4.50 -15.71
C LEU D 215 -3.21 3.29 -16.63
N VAL D 216 -3.20 3.62 -17.90
CA VAL D 216 -3.36 2.60 -18.94
C VAL D 216 -2.14 2.74 -19.81
N PRO D 217 -1.73 1.74 -20.57
CA PRO D 217 -0.67 1.96 -21.55
C PRO D 217 -0.99 3.08 -22.50
N ASP D 218 -0.05 3.85 -23.02
CA ASP D 218 -0.38 4.98 -23.88
C ASP D 218 -1.15 4.54 -25.10
N ALA D 219 -0.88 3.36 -25.67
CA ALA D 219 -1.64 3.07 -26.91
C ALA D 219 -3.07 2.64 -26.59
N VAL D 220 -3.32 2.31 -25.33
CA VAL D 220 -4.67 1.97 -24.88
C VAL D 220 -5.43 3.28 -24.61
N LEU D 221 -4.73 4.20 -23.94
CA LEU D 221 -5.30 5.55 -23.77
C LEU D 221 -5.73 6.09 -25.13
N ASN D 222 -4.85 6.04 -26.15
CA ASN D 222 -5.16 6.56 -27.46
C ASN D 222 -6.42 5.95 -28.04
N TYR D 223 -6.51 4.63 -27.93
CA TYR D 223 -7.69 3.93 -28.44
C TYR D 223 -8.91 4.29 -27.62
N ILE D 224 -8.75 4.46 -26.31
CA ILE D 224 -9.97 4.79 -25.55
C ILE D 224 -10.53 6.13 -26.01
N GLU D 225 -9.64 7.10 -26.13
CA GLU D 225 -10.11 8.45 -26.55
C GLU D 225 -10.57 8.49 -27.99
N ALA D 226 -9.82 7.79 -28.84
CA ALA D 226 -10.16 7.73 -30.26
C ALA D 226 -11.63 7.34 -30.44
N HIS D 227 -12.05 6.28 -29.74
CA HIS D 227 -13.35 5.66 -29.80
C HIS D 227 -14.32 6.10 -28.71
N HIS D 228 -13.96 7.07 -27.89
CA HIS D 228 -14.77 7.62 -26.81
C HIS D 228 -15.45 6.49 -26.04
N LEU D 229 -14.58 5.60 -25.55
CA LEU D 229 -15.09 4.47 -24.76
C LEU D 229 -15.28 4.85 -23.29
N TYR D 230 -16.17 4.15 -22.60
CA TYR D 230 -16.47 4.35 -21.18
C TYR D 230 -16.96 5.75 -20.86
N ARG D 231 -17.40 6.45 -21.91
CA ARG D 231 -17.93 7.80 -21.85
C ARG D 231 -19.36 7.79 -21.32
N ALA D 232 -19.64 8.70 -20.39
CA ALA D 232 -20.96 8.84 -19.77
C ALA D 232 -22.09 8.78 -20.80
N PRO D 233 -23.27 8.36 -20.37
CA PRO D 233 -24.41 8.33 -21.29
C PRO D 233 -24.78 9.76 -21.68
C1 CIT E . -17.47 2.85 1.32
O1 CIT E . -17.03 1.70 1.67
O2 CIT E . -17.62 3.10 0.15
C2 CIT E . -17.61 3.83 2.44
C3 CIT E . -18.85 3.55 3.31
O7 CIT E . -18.58 2.54 4.27
C4 CIT E . -19.43 4.79 4.05
C5 CIT E . -19.24 4.74 5.60
O3 CIT E . -19.28 3.68 6.29
O4 CIT E . -19.53 5.90 6.17
C6 CIT E . -20.09 2.96 2.55
O5 CIT E . -20.61 1.83 2.55
O6 CIT E . -20.11 3.77 1.58
P NCN F . -13.33 2.53 9.42
O1P NCN F . -13.31 1.05 9.67
O2P NCN F . -13.98 2.85 8.09
O3P NCN F . -11.83 3.15 9.42
O5' NCN F . -14.18 3.25 10.57
C5' NCN F . -13.62 3.22 11.90
C4' NCN F . -13.78 4.50 12.58
O4' NCN F . -13.60 4.25 14.04
C3' NCN F . -12.79 5.50 12.21
O3' NCN F . -13.27 5.95 10.93
C2' NCN F . -12.91 6.43 13.46
O2' NCN F . -14.12 7.14 13.65
C1' NCN F . -13.00 5.39 14.62
N1 NCN F . -11.66 5.07 15.22
C6 NCN F . -10.74 4.27 14.44
C5 NCN F . -9.40 4.56 14.76
C4 NCN F . -8.98 5.15 15.99
C3 NCN F . -10.09 5.32 16.95
C2 NCN F . -11.38 5.47 16.51
C7 NCN F . -9.40 5.98 18.17
O7 NCN F . -8.25 5.84 18.52
O8 NCN F . -10.36 6.33 19.06
C1 CIT G . 13.01 7.56 -5.04
O1 CIT G . 13.87 7.35 -5.98
O2 CIT G . 12.28 6.63 -4.81
C2 CIT G . 12.41 8.93 -5.02
C3 CIT G . 11.54 9.33 -6.20
O7 CIT G . 10.55 10.27 -5.75
C4 CIT G . 12.34 9.95 -7.37
C5 CIT G . 12.38 11.50 -7.36
O3 CIT G . 13.23 12.17 -8.02
O4 CIT G . 12.05 11.93 -6.17
C6 CIT G . 10.59 8.36 -7.00
O5 CIT G . 9.51 8.58 -7.57
O6 CIT G . 11.40 7.46 -7.29
P NCN H . 16.73 18.45 -2.45
O1P NCN H . 16.43 18.41 -0.97
O2P NCN H . 17.87 17.52 -2.79
O3P NCN H . 17.11 19.94 -2.93
O5' NCN H . 15.45 17.93 -3.26
C5' NCN H . 14.15 18.37 -2.83
C4' NCN H . 13.72 19.46 -3.68
O4' NCN H . 13.24 20.62 -2.85
C3' NCN H . 14.80 19.98 -4.51
O3' NCN H . 14.91 18.89 -5.48
C2' NCN H . 13.99 21.26 -4.97
O2' NCN H . 12.73 20.91 -5.52
C1' NCN H . 13.59 21.81 -3.57
N1 NCN H . 14.70 22.53 -2.85
C6 NCN H . 15.34 21.77 -1.81
C5 NCN H . 15.88 22.56 -0.77
C4 NCN H . 16.23 23.93 -0.89
C3 NCN H . 15.59 24.59 -2.04
C2 NCN H . 14.90 23.89 -3.01
C7 NCN H . 15.96 26.08 -1.89
O7 NCN H . 16.75 26.59 -1.13
O8 NCN H . 15.63 26.73 -3.03
C1 CIT I . 17.43 -3.48 3.69
O1 CIT I . 17.94 -2.30 3.65
O2 CIT I . 17.57 -4.09 2.68
C2 CIT I . 17.15 -4.12 5.00
C3 CIT I . 18.26 -4.98 5.60
O7 CIT I . 17.93 -5.40 6.94
C4 CIT I . 18.54 -6.29 4.83
C5 CIT I . 18.07 -7.60 5.48
O3 CIT I . 17.91 -7.83 6.70
O4 CIT I . 18.21 -8.62 4.62
C6 CIT I . 19.65 -4.31 5.86
O5 CIT I . 20.00 -3.62 6.85
O6 CIT I . 19.99 -4.01 4.68
P NCN J . 8.42 -9.36 9.67
O1P NCN J . 8.09 -8.03 10.34
O2P NCN J . 8.04 -9.33 8.21
O3P NCN J . 7.65 -10.58 10.40
O5' NCN J . 9.99 -9.59 9.74
C5' NCN J . 10.66 -9.37 10.99
C4' NCN J . 10.96 -10.60 11.70
O4' NCN J . 10.85 -10.30 13.16
C3' NCN J . 10.14 -11.73 11.36
O3' NCN J . 10.89 -12.40 10.31
C2' NCN J . 9.96 -12.45 12.72
O2' NCN J . 10.87 -13.36 13.25
C1' NCN J . 10.00 -11.28 13.74
N1 NCN J . 8.59 -10.81 13.99
C6 NCN J . 8.06 -9.83 13.07
C5 NCN J . 6.67 -9.85 12.97
C4 NCN J . 5.74 -10.76 13.55
C3 NCN J . 6.42 -11.76 14.38
C2 NCN J . 7.78 -11.85 14.45
C7 NCN J . 5.35 -12.48 15.24
O7 NCN J . 4.19 -12.29 15.44
O8 NCN J . 6.03 -13.32 16.08
C1 CIT K . -10.76 -4.87 -11.00
O1 CIT K . -11.37 -3.82 -11.41
O2 CIT K . -10.74 -5.10 -9.84
C2 CIT K . -10.55 -5.96 -11.99
C3 CIT K . -9.14 -6.06 -12.58
O7 CIT K . -8.57 -7.34 -12.26
C4 CIT K . -9.16 -6.00 -14.14
C5 CIT K . -9.27 -7.50 -14.61
O3 CIT K . -9.17 -7.95 -15.79
O4 CIT K . -10.12 -8.06 -13.79
C6 CIT K . -7.97 -5.10 -12.21
O5 CIT K . -6.74 -5.28 -12.32
O6 CIT K . -8.52 -3.99 -12.42
P NCN L . -12.90 -14.75 -12.10
O1P NCN L . -13.94 -13.69 -11.83
O2P NCN L . -12.88 -15.80 -11.02
O3P NCN L . -11.43 -14.09 -12.22
O5' NCN L . -13.25 -15.47 -13.48
C5' NCN L . -12.40 -15.12 -14.59
C4' NCN L . -11.85 -16.21 -15.32
O4' NCN L . -11.26 -17.31 -14.49
C3' NCN L . -12.68 -16.84 -16.32
O3' NCN L . -12.98 -15.75 -17.21
C2' NCN L . -11.54 -17.86 -16.76
O2' NCN L . -10.30 -17.20 -17.03
C1' NCN L . -11.24 -18.47 -15.34
N1 NCN L . -12.34 -19.42 -14.92
C6 NCN L . -13.19 -18.95 -13.84
C5 NCN L . -14.29 -19.78 -13.60
C4 NCN L . -14.77 -20.82 -14.46
C3 NCN L . -13.75 -21.28 -15.42
C2 NCN L . -12.67 -20.48 -15.75
C7 NCN L . -13.99 -22.79 -15.59
O7 NCN L . -14.77 -23.52 -15.02
O8 NCN L . -13.00 -23.35 -16.32
#